data_7FJ8
#
_entry.id   7FJ8
#
_cell.length_a   102.098
_cell.length_b   152.635
_cell.length_c   131.743
_cell.angle_alpha   90.000
_cell.angle_beta   90.000
_cell.angle_gamma   90.000
#
_symmetry.space_group_name_H-M   'C 2 2 21'
#
loop_
_entity.id
_entity.type
_entity.pdbx_description
1 polymer 'Probable propionate kinase'
2 non-polymer 'ADENOSINE MONOPHOSPHATE'
3 water water
#
_entity_poly.entity_id   1
_entity_poly.type   'polypeptide(L)'
_entity_poly.pdbx_seq_one_letter_code
;MTYKIMAINAGSSSLKFQLLNMPQGALLCQGLIERIGLPEARFTLKTSAQKWQETLPIADHHEAVTLLLEALTGRGILSS
LQEIDGVGHRVAHGGERFKDAALVCDDTLREIERLAELAPLHNPVNALGIRLFRQLLPAVPAVAVFDTAFHQTLAPEAWL
YPLPWRYYAELGIRRYGFHGTSHHYVSSALAEKLGVPLSALRVVSCHLGNGCSVCAIKGGQSVNTSMGFTPQSGVMMGTR
SGDIDPSILPWLVEKEGKSAQQLSQLLNNESGLLGVSGVSSDYRDVEQAADAGNERAALALSLFAERIRATIGSYIMQMG
GLDALIFTGGIGENSARARAAICRNLHFLGLALDDEKNQRSATFIQADNALVKVAVINTNEELMIARDVMRLALPQAREL
AVSA
;
_entity_poly.pdbx_strand_id   A,B
#
# COMPACT_ATOMS: atom_id res chain seq x y z
N THR A 2 17.71 -35.07 -20.37
CA THR A 2 17.89 -33.64 -20.12
C THR A 2 17.53 -32.79 -21.33
N TYR A 3 17.08 -31.56 -21.06
CA TYR A 3 16.65 -30.62 -22.09
C TYR A 3 17.35 -29.28 -21.89
N LYS A 4 17.59 -28.57 -22.99
CA LYS A 4 18.26 -27.27 -22.96
C LYS A 4 17.22 -26.19 -23.23
N ILE A 5 16.96 -25.35 -22.23
CA ILE A 5 15.92 -24.34 -22.28
C ILE A 5 16.57 -22.99 -22.05
N MET A 6 16.26 -22.03 -22.91
CA MET A 6 16.83 -20.70 -22.78
C MET A 6 15.77 -19.76 -22.24
N ALA A 7 16.13 -18.97 -21.25
CA ALA A 7 15.21 -17.99 -20.68
C ALA A 7 15.69 -16.61 -21.13
N ILE A 8 14.77 -15.81 -21.66
CA ILE A 8 15.08 -14.55 -22.29
C ILE A 8 14.34 -13.43 -21.57
N ASN A 9 15.03 -12.31 -21.36
CA ASN A 9 14.42 -11.10 -20.82
C ASN A 9 14.95 -9.94 -21.67
N ALA A 10 14.13 -9.44 -22.58
CA ALA A 10 14.50 -8.35 -23.49
C ALA A 10 14.01 -7.03 -22.90
N GLY A 11 14.94 -6.10 -22.71
CA GLY A 11 14.64 -4.76 -22.29
C GLY A 11 14.83 -3.76 -23.41
N SER A 12 14.46 -2.51 -23.13
CA SER A 12 14.49 -1.49 -24.17
C SER A 12 15.85 -1.40 -24.83
N SER A 13 16.94 -1.52 -24.07
CA SER A 13 18.27 -1.53 -24.68
C SER A 13 19.12 -2.70 -24.20
N SER A 14 18.49 -3.82 -23.82
CA SER A 14 19.25 -4.92 -23.25
C SER A 14 18.64 -6.26 -23.61
N LEU A 15 19.44 -7.31 -23.41
CA LEU A 15 19.02 -8.69 -23.62
C LEU A 15 19.70 -9.55 -22.56
N LYS A 16 18.92 -10.00 -21.58
CA LYS A 16 19.42 -10.94 -20.59
C LYS A 16 19.06 -12.35 -21.02
N PHE A 17 19.94 -13.30 -20.75
CA PHE A 17 19.70 -14.68 -21.16
C PHE A 17 20.30 -15.65 -20.18
N GLN A 18 19.66 -16.81 -20.04
CA GLN A 18 20.20 -17.97 -19.34
C GLN A 18 19.88 -19.21 -20.14
N LEU A 19 20.83 -20.14 -20.18
CA LEU A 19 20.62 -21.45 -20.79
C LEU A 19 20.68 -22.48 -19.67
N LEU A 20 19.65 -23.29 -19.54
CA LEU A 20 19.51 -24.22 -18.42
C LEU A 20 19.37 -25.65 -18.93
N ASN A 21 20.06 -26.56 -18.25
CA ASN A 21 19.81 -27.99 -18.40
C ASN A 21 18.64 -28.38 -17.51
N MET A 22 17.53 -28.77 -18.13
CA MET A 22 16.31 -29.20 -17.46
C MET A 22 16.12 -30.71 -17.59
N PRO A 23 15.42 -31.36 -16.64
CA PRO A 23 14.73 -30.75 -15.48
C PRO A 23 15.60 -30.33 -14.30
N GLN A 24 16.89 -30.65 -14.33
CA GLN A 24 17.72 -30.44 -13.15
C GLN A 24 17.95 -28.97 -12.85
N GLY A 25 17.82 -28.10 -13.85
CA GLY A 25 17.98 -26.68 -13.60
C GLY A 25 19.41 -26.21 -13.49
N ALA A 26 20.38 -26.98 -14.01
CA ALA A 26 21.77 -26.57 -13.98
C ALA A 26 22.01 -25.48 -15.01
N LEU A 27 22.76 -24.45 -14.62
CA LEU A 27 23.03 -23.31 -15.49
C LEU A 27 24.22 -23.62 -16.39
N LEU A 28 23.98 -23.65 -17.70
CA LEU A 28 25.05 -23.84 -18.66
C LEU A 28 25.74 -22.51 -18.98
N CYS A 29 24.98 -21.46 -19.23
CA CYS A 29 25.59 -20.15 -19.39
C CYS A 29 24.55 -19.08 -19.14
N GLN A 30 25.04 -17.86 -19.07
CA GLN A 30 24.21 -16.70 -18.76
C GLN A 30 24.98 -15.49 -19.21
N GLY A 31 24.26 -14.39 -19.36
CA GLY A 31 24.94 -13.15 -19.70
C GLY A 31 23.96 -12.05 -20.00
N LEU A 32 24.50 -10.99 -20.57
CA LEU A 32 23.77 -9.75 -20.73
C LEU A 32 24.39 -9.00 -21.90
N ILE A 33 23.56 -8.62 -22.85
CA ILE A 33 23.91 -7.64 -23.88
C ILE A 33 23.23 -6.35 -23.48
N GLU A 34 24.00 -5.26 -23.33
CA GLU A 34 23.47 -4.03 -22.78
C GLU A 34 23.89 -2.85 -23.66
N ARG A 35 23.23 -1.71 -23.41
CA ARG A 35 23.38 -0.49 -24.21
C ARG A 35 23.20 -0.78 -25.71
N ILE A 36 22.29 -1.70 -26.02
CA ILE A 36 21.94 -1.95 -27.41
C ILE A 36 21.57 -0.63 -28.07
N GLY A 37 22.01 -0.45 -29.31
CA GLY A 37 21.77 0.78 -30.04
C GLY A 37 22.51 2.01 -29.53
N LEU A 38 23.14 1.94 -28.36
CA LEU A 38 23.89 3.05 -27.80
C LEU A 38 25.38 2.87 -28.03
N PRO A 39 26.16 3.93 -27.83
CA PRO A 39 27.61 3.76 -27.73
C PRO A 39 27.95 3.10 -26.41
N GLU A 40 28.98 2.26 -26.42
CA GLU A 40 29.37 1.44 -25.28
C GLU A 40 28.50 0.21 -25.13
N ALA A 41 27.84 -0.24 -26.19
CA ALA A 41 27.16 -1.54 -26.15
C ALA A 41 28.15 -2.62 -25.74
N ARG A 42 27.70 -3.51 -24.85
CA ARG A 42 28.57 -4.54 -24.29
C ARG A 42 27.85 -5.89 -24.25
N PHE A 43 28.58 -6.95 -24.59
CA PHE A 43 28.12 -8.34 -24.60
C PHE A 43 28.92 -9.11 -23.56
N THR A 44 28.27 -9.55 -22.50
CA THR A 44 28.88 -10.40 -21.49
C THR A 44 28.28 -11.81 -21.55
N LEU A 45 29.14 -12.82 -21.42
CA LEU A 45 28.73 -14.21 -21.46
C LEU A 45 29.58 -15.02 -20.47
N LYS A 46 28.90 -15.76 -19.60
CA LYS A 46 29.55 -16.49 -18.51
C LYS A 46 29.09 -17.94 -18.51
N THR A 47 30.05 -18.84 -18.33
CA THR A 47 29.78 -20.23 -17.98
C THR A 47 30.19 -20.44 -16.53
N SER A 48 30.16 -21.69 -16.08
CA SER A 48 30.69 -21.97 -14.74
C SER A 48 32.19 -21.72 -14.67
N ALA A 49 32.92 -22.00 -15.75
CA ALA A 49 34.36 -21.89 -15.71
C ALA A 49 34.89 -20.53 -16.21
N GLN A 50 34.16 -19.83 -17.07
CA GLN A 50 34.79 -18.73 -17.80
C GLN A 50 33.82 -17.56 -17.95
N LYS A 51 34.40 -16.39 -18.18
CA LYS A 51 33.66 -15.17 -18.48
C LYS A 51 34.30 -14.49 -19.68
N TRP A 52 33.48 -14.09 -20.63
CA TRP A 52 33.92 -13.35 -21.80
C TRP A 52 33.14 -12.05 -21.87
N GLN A 53 33.82 -10.97 -22.26
CA GLN A 53 33.19 -9.66 -22.25
C GLN A 53 33.81 -8.82 -23.34
N GLU A 54 32.97 -8.16 -24.13
CA GLU A 54 33.43 -7.34 -25.23
C GLU A 54 32.52 -6.14 -25.40
N THR A 55 33.14 -4.96 -25.51
CA THR A 55 32.42 -3.75 -25.87
C THR A 55 32.48 -3.62 -27.39
N LEU A 56 31.33 -3.60 -28.03
CA LEU A 56 31.32 -3.51 -29.48
C LEU A 56 29.98 -2.98 -29.93
N PRO A 57 29.90 -2.44 -31.15
CA PRO A 57 28.64 -1.87 -31.63
C PRO A 57 27.58 -2.96 -31.80
N ILE A 58 26.43 -2.75 -31.18
CA ILE A 58 25.29 -3.63 -31.36
C ILE A 58 24.12 -2.72 -31.71
N ALA A 59 23.77 -2.67 -33.00
CA ALA A 59 22.79 -1.71 -33.49
C ALA A 59 21.42 -1.92 -32.85
N ASP A 60 20.90 -3.15 -32.90
CA ASP A 60 19.52 -3.41 -32.51
C ASP A 60 19.41 -4.78 -31.82
N HIS A 61 18.20 -5.12 -31.38
CA HIS A 61 17.98 -6.40 -30.73
C HIS A 61 18.21 -7.55 -31.70
N HIS A 62 17.95 -7.35 -32.98
CA HIS A 62 18.23 -8.41 -33.96
C HIS A 62 19.72 -8.76 -33.96
N GLU A 63 20.59 -7.74 -33.94
CA GLU A 63 22.03 -8.01 -33.90
C GLU A 63 22.42 -8.63 -32.56
N ALA A 64 21.79 -8.19 -31.47
CA ALA A 64 22.02 -8.79 -30.16
C ALA A 64 21.71 -10.29 -30.18
N VAL A 65 20.56 -10.68 -30.76
CA VAL A 65 20.21 -12.10 -30.76
C VAL A 65 21.17 -12.89 -31.65
N THR A 66 21.53 -12.31 -32.79
CA THR A 66 22.50 -12.96 -33.68
C THR A 66 23.81 -13.24 -32.97
N LEU A 67 24.34 -12.26 -32.25
CA LEU A 67 25.63 -12.46 -31.59
C LEU A 67 25.52 -13.50 -30.50
N LEU A 68 24.41 -13.50 -29.77
CA LEU A 68 24.17 -14.51 -28.74
C LEU A 68 24.17 -15.92 -29.34
N LEU A 69 23.36 -16.13 -30.37
CA LEU A 69 23.25 -17.46 -30.96
C LEU A 69 24.59 -17.91 -31.53
N GLU A 70 25.31 -17.01 -32.20
CA GLU A 70 26.62 -17.38 -32.72
C GLU A 70 27.60 -17.71 -31.60
N ALA A 71 27.49 -17.02 -30.46
CA ALA A 71 28.40 -17.31 -29.35
C ALA A 71 28.10 -18.65 -28.70
N LEU A 72 26.84 -19.07 -28.67
CA LEU A 72 26.51 -20.37 -28.10
C LEU A 72 27.32 -21.48 -28.75
N THR A 73 27.43 -21.47 -30.08
CA THR A 73 28.24 -22.48 -30.75
C THR A 73 29.72 -22.08 -30.78
N GLY A 74 30.01 -20.79 -30.95
CA GLY A 74 31.40 -20.36 -31.01
C GLY A 74 32.19 -20.62 -29.76
N ARG A 75 31.51 -20.71 -28.62
CA ARG A 75 32.17 -21.01 -27.35
C ARG A 75 32.04 -22.48 -26.94
N GLY A 76 31.55 -23.33 -27.85
CA GLY A 76 31.40 -24.74 -27.58
C GLY A 76 30.36 -25.09 -26.54
N ILE A 77 29.48 -24.15 -26.20
CA ILE A 77 28.43 -24.43 -25.22
C ILE A 77 27.39 -25.40 -25.79
N LEU A 78 26.96 -25.17 -27.02
CA LEU A 78 26.15 -26.10 -27.78
C LEU A 78 26.97 -26.60 -28.96
N SER A 79 26.78 -27.87 -29.32
CA SER A 79 27.32 -28.33 -30.58
C SER A 79 26.55 -27.78 -31.78
N SER A 80 25.33 -27.29 -31.55
CA SER A 80 24.43 -26.84 -32.60
C SER A 80 23.25 -26.14 -31.97
N LEU A 81 22.67 -25.17 -32.70
CA LEU A 81 21.48 -24.51 -32.21
C LEU A 81 20.27 -25.44 -32.22
N GLN A 82 20.38 -26.59 -32.89
CA GLN A 82 19.33 -27.61 -32.81
C GLN A 82 19.25 -28.24 -31.44
N GLU A 83 20.30 -28.11 -30.63
CA GLU A 83 20.26 -28.61 -29.27
C GLU A 83 19.27 -27.84 -28.39
N ILE A 84 18.89 -26.63 -28.79
CA ILE A 84 17.98 -25.84 -27.98
C ILE A 84 16.58 -26.42 -28.11
N ASP A 85 15.98 -26.80 -26.98
CA ASP A 85 14.67 -27.43 -27.01
C ASP A 85 13.52 -26.48 -26.79
N GLY A 86 13.76 -25.33 -26.16
CA GLY A 86 12.69 -24.35 -26.00
C GLY A 86 13.24 -23.05 -25.48
N VAL A 87 12.42 -22.00 -25.62
CA VAL A 87 12.77 -20.65 -25.17
C VAL A 87 11.59 -20.10 -24.37
N GLY A 88 11.87 -19.56 -23.20
CA GLY A 88 10.86 -18.88 -22.40
C GLY A 88 11.18 -17.39 -22.44
N HIS A 89 10.13 -16.58 -22.60
CA HIS A 89 10.27 -15.14 -22.71
C HIS A 89 9.56 -14.50 -21.54
N ARG A 90 10.27 -13.63 -20.83
CA ARG A 90 9.62 -12.78 -19.83
C ARG A 90 8.77 -11.72 -20.54
N VAL A 91 7.52 -11.59 -20.11
CA VAL A 91 6.62 -10.55 -20.60
C VAL A 91 6.11 -9.78 -19.39
N ALA A 92 6.14 -8.45 -19.47
CA ALA A 92 5.87 -7.64 -18.28
C ALA A 92 4.39 -7.69 -17.89
N HIS A 93 3.48 -7.62 -18.86
CA HIS A 93 2.06 -7.43 -18.54
C HIS A 93 1.18 -8.31 -19.41
N GLY A 94 0.46 -9.24 -18.76
CA GLY A 94 -0.51 -10.07 -19.44
C GLY A 94 -1.95 -9.62 -19.28
N GLY A 95 -2.19 -8.45 -18.69
CA GLY A 95 -3.55 -7.98 -18.45
C GLY A 95 -4.41 -9.04 -17.81
N GLU A 96 -5.72 -9.00 -18.10
CA GLU A 96 -6.65 -10.03 -17.68
C GLU A 96 -6.72 -11.19 -18.66
N ARG A 97 -6.10 -11.06 -19.83
CA ARG A 97 -6.15 -12.10 -20.85
C ARG A 97 -5.39 -13.35 -20.42
N PHE A 98 -4.22 -13.20 -19.82
CA PHE A 98 -3.34 -14.34 -19.54
C PHE A 98 -3.35 -14.68 -18.05
N LYS A 99 -3.90 -15.86 -17.73
CA LYS A 99 -3.88 -16.39 -16.38
C LYS A 99 -2.73 -17.36 -16.16
N ASP A 100 -1.97 -17.66 -17.20
CA ASP A 100 -0.87 -18.61 -17.12
C ASP A 100 0.08 -18.28 -18.27
N ALA A 101 1.30 -18.82 -18.19
CA ALA A 101 2.19 -18.78 -19.34
C ALA A 101 1.46 -19.28 -20.58
N ALA A 102 1.91 -18.87 -21.77
CA ALA A 102 1.24 -19.24 -23.02
C ALA A 102 2.25 -19.63 -24.08
N LEU A 103 1.93 -20.70 -24.82
CA LEU A 103 2.65 -21.00 -26.05
C LEU A 103 2.69 -19.78 -26.96
N VAL A 104 3.87 -19.47 -27.50
CA VAL A 104 3.99 -18.34 -28.42
C VAL A 104 3.35 -18.73 -29.76
N CYS A 105 2.53 -17.83 -30.28
CA CYS A 105 1.87 -17.99 -31.57
C CYS A 105 1.38 -16.60 -31.98
N ASP A 106 0.76 -16.53 -33.17
CA ASP A 106 0.36 -15.24 -33.69
C ASP A 106 -0.64 -14.53 -32.78
N ASP A 107 -1.62 -15.27 -32.24
CA ASP A 107 -2.62 -14.62 -31.39
C ASP A 107 -1.99 -14.14 -30.09
N THR A 108 -1.11 -14.96 -29.48
CA THR A 108 -0.40 -14.50 -28.29
C THR A 108 0.29 -13.17 -28.55
N LEU A 109 0.96 -13.05 -29.70
CA LEU A 109 1.74 -11.86 -29.98
C LEU A 109 0.85 -10.62 -30.13
N ARG A 110 -0.27 -10.74 -30.85
CA ARG A 110 -1.21 -9.63 -30.95
C ARG A 110 -1.67 -9.18 -29.57
N GLU A 111 -2.08 -10.14 -28.73
CA GLU A 111 -2.53 -9.84 -27.38
C GLU A 111 -1.46 -9.06 -26.62
N ILE A 112 -0.20 -9.52 -26.68
CA ILE A 112 0.88 -8.85 -25.95
C ILE A 112 1.07 -7.43 -26.47
N GLU A 113 0.95 -7.24 -27.78
CA GLU A 113 1.08 -5.90 -28.34
C GLU A 113 -0.14 -5.04 -28.01
N ARG A 114 -1.34 -5.63 -28.06
CA ARG A 114 -2.52 -4.93 -27.57
C ARG A 114 -2.29 -4.40 -26.16
N LEU A 115 -1.67 -5.21 -25.31
CA LEU A 115 -1.42 -4.84 -23.92
C LEU A 115 -0.31 -3.82 -23.76
N ALA A 116 0.38 -3.44 -24.84
CA ALA A 116 1.36 -2.37 -24.74
C ALA A 116 0.76 -1.12 -24.13
N GLU A 117 -0.53 -0.87 -24.37
CA GLU A 117 -1.23 0.21 -23.69
C GLU A 117 -1.07 0.16 -22.17
N LEU A 118 -0.82 -1.01 -21.60
CA LEU A 118 -0.69 -1.14 -20.15
C LEU A 118 0.75 -1.28 -19.67
N ALA A 119 1.69 -1.61 -20.55
CA ALA A 119 3.12 -1.58 -20.23
C ALA A 119 3.85 -1.09 -21.47
N PRO A 120 3.84 0.23 -21.71
CA PRO A 120 4.36 0.75 -22.99
C PRO A 120 5.86 0.56 -23.16
N LEU A 121 6.63 0.56 -22.08
CA LEU A 121 8.09 0.50 -22.14
C LEU A 121 8.64 -0.92 -22.17
N HIS A 122 7.80 -1.94 -21.95
CA HIS A 122 8.31 -3.30 -21.82
C HIS A 122 7.66 -4.28 -22.77
N ASN A 123 6.32 -4.29 -22.82
CA ASN A 123 5.65 -5.29 -23.62
C ASN A 123 6.07 -5.26 -25.09
N PRO A 124 6.21 -4.10 -25.73
CA PRO A 124 6.63 -4.12 -27.15
C PRO A 124 7.98 -4.78 -27.38
N VAL A 125 8.98 -4.49 -26.53
CA VAL A 125 10.29 -5.10 -26.71
C VAL A 125 10.27 -6.57 -26.28
N ASN A 126 9.48 -6.90 -25.24
CA ASN A 126 9.24 -8.31 -24.92
C ASN A 126 8.77 -9.08 -26.15
N ALA A 127 7.80 -8.51 -26.88
CA ALA A 127 7.29 -9.16 -28.09
C ALA A 127 8.33 -9.15 -29.21
N LEU A 128 9.07 -8.05 -29.36
CA LEU A 128 10.15 -8.02 -30.35
C LEU A 128 11.08 -9.20 -30.13
N GLY A 129 11.45 -9.46 -28.87
CA GLY A 129 12.29 -10.60 -28.58
C GLY A 129 11.65 -11.90 -29.00
N ILE A 130 10.35 -12.04 -28.72
CA ILE A 130 9.60 -13.22 -29.17
C ILE A 130 9.66 -13.35 -30.69
N ARG A 131 9.50 -12.23 -31.41
CA ARG A 131 9.52 -12.27 -32.86
C ARG A 131 10.91 -12.60 -33.40
N LEU A 132 11.95 -12.01 -32.80
CA LEU A 132 13.30 -12.25 -33.29
C LEU A 132 13.69 -13.71 -33.12
N PHE A 133 13.29 -14.33 -32.00
CA PHE A 133 13.64 -15.74 -31.79
C PHE A 133 12.82 -16.64 -32.70
N ARG A 134 11.56 -16.29 -32.95
CA ARG A 134 10.77 -17.07 -33.91
C ARG A 134 11.39 -16.99 -35.29
N GLN A 135 11.93 -15.82 -35.64
CA GLN A 135 12.60 -15.65 -36.93
C GLN A 135 13.92 -16.40 -36.98
N LEU A 136 14.76 -16.26 -35.95
CA LEU A 136 16.10 -16.82 -36.01
C LEU A 136 16.17 -18.26 -35.50
N LEU A 137 15.22 -18.70 -34.68
CA LEU A 137 15.12 -20.10 -34.25
C LEU A 137 13.74 -20.63 -34.61
N PRO A 138 13.41 -20.70 -35.90
CA PRO A 138 12.03 -21.03 -36.30
C PRO A 138 11.52 -22.35 -35.77
N ALA A 139 12.40 -23.33 -35.57
CA ALA A 139 11.98 -24.67 -35.18
C ALA A 139 11.87 -24.87 -33.67
N VAL A 140 12.17 -23.86 -32.86
CA VAL A 140 12.23 -24.01 -31.42
C VAL A 140 10.94 -23.47 -30.81
N PRO A 141 10.18 -24.28 -30.08
CA PRO A 141 8.97 -23.74 -29.43
C PRO A 141 9.32 -22.69 -28.38
N ALA A 142 8.41 -21.73 -28.22
CA ALA A 142 8.62 -20.60 -27.33
C ALA A 142 7.38 -20.41 -26.46
N VAL A 143 7.59 -19.94 -25.25
CA VAL A 143 6.55 -19.76 -24.25
C VAL A 143 6.70 -18.37 -23.65
N ALA A 144 5.59 -17.64 -23.55
CA ALA A 144 5.57 -16.34 -22.90
C ALA A 144 5.18 -16.53 -21.44
N VAL A 145 5.92 -15.88 -20.53
CA VAL A 145 5.69 -16.00 -19.09
C VAL A 145 5.47 -14.58 -18.56
N PHE A 146 4.26 -14.33 -18.07
CA PHE A 146 3.80 -12.99 -17.71
C PHE A 146 4.00 -12.76 -16.22
N ASP A 147 4.58 -11.61 -15.87
CA ASP A 147 4.78 -11.25 -14.47
C ASP A 147 3.49 -10.97 -13.74
N THR A 148 2.36 -10.80 -14.47
CA THR A 148 1.05 -10.55 -13.90
C THR A 148 0.20 -11.80 -13.68
N ALA A 149 0.51 -12.89 -14.40
CA ALA A 149 -0.44 -13.99 -14.49
C ALA A 149 -0.72 -14.63 -13.14
N PHE A 150 0.30 -14.76 -12.29
CA PHE A 150 0.09 -15.44 -11.01
C PHE A 150 -0.97 -14.75 -10.15
N HIS A 151 -1.16 -13.44 -10.34
CA HIS A 151 -2.07 -12.65 -9.54
C HIS A 151 -3.45 -12.57 -10.17
N GLN A 152 -3.69 -13.30 -11.24
CA GLN A 152 -5.01 -13.20 -11.82
C GLN A 152 -6.07 -13.92 -10.99
N THR A 153 -5.66 -14.60 -9.93
CA THR A 153 -6.63 -15.19 -9.00
C THR A 153 -7.14 -14.21 -7.95
N LEU A 154 -6.69 -12.95 -7.92
CA LEU A 154 -7.22 -12.00 -6.95
C LEU A 154 -8.71 -11.80 -7.16
N ALA A 155 -9.45 -11.69 -6.06
CA ALA A 155 -10.87 -11.40 -6.10
C ALA A 155 -11.11 -9.91 -6.37
N PRO A 156 -12.31 -9.56 -6.82
CA PRO A 156 -12.59 -8.16 -7.20
C PRO A 156 -12.39 -7.16 -6.06
N GLU A 157 -12.71 -7.54 -4.83
CA GLU A 157 -12.52 -6.63 -3.73
C GLU A 157 -11.04 -6.45 -3.39
N ALA A 158 -10.17 -7.23 -4.02
CA ALA A 158 -8.75 -6.97 -3.90
C ALA A 158 -8.17 -6.21 -5.09
N TRP A 159 -8.79 -6.29 -6.29
CA TRP A 159 -8.17 -5.60 -7.41
C TRP A 159 -8.88 -4.33 -7.86
N LEU A 160 -10.12 -4.12 -7.46
CA LEU A 160 -10.85 -2.91 -7.83
C LEU A 160 -10.34 -1.71 -7.02
N TYR A 161 -10.00 -0.62 -7.72
CA TYR A 161 -9.77 0.57 -6.91
C TYR A 161 -11.09 1.31 -6.71
N PRO A 162 -11.23 2.11 -5.60
CA PRO A 162 -12.50 2.80 -5.34
C PRO A 162 -12.67 4.07 -6.18
N LEU A 163 -12.42 3.95 -7.48
CA LEU A 163 -12.68 4.98 -8.45
C LEU A 163 -14.04 4.78 -9.08
N PRO A 164 -14.51 5.72 -9.88
CA PRO A 164 -15.74 5.46 -10.64
C PRO A 164 -15.58 4.19 -11.47
N TRP A 165 -16.69 3.46 -11.62
CA TRP A 165 -16.65 2.13 -12.22
C TRP A 165 -16.04 2.15 -13.63
N ARG A 166 -16.35 3.18 -14.42
CA ARG A 166 -15.85 3.23 -15.80
C ARG A 166 -14.31 3.26 -15.89
N TYR A 167 -13.60 3.72 -14.86
CA TYR A 167 -12.14 3.66 -14.94
C TYR A 167 -11.65 2.22 -15.03
N TYR A 168 -12.33 1.28 -14.37
CA TYR A 168 -12.03 -0.13 -14.60
C TYR A 168 -12.68 -0.62 -15.89
N ALA A 169 -14.00 -0.40 -16.04
CA ALA A 169 -14.75 -1.05 -17.09
C ALA A 169 -14.29 -0.61 -18.48
N GLU A 170 -14.03 0.69 -18.66
CA GLU A 170 -13.63 1.19 -19.97
C GLU A 170 -12.13 1.41 -20.10
N LEU A 171 -11.42 1.74 -19.02
CA LEU A 171 -10.01 2.06 -19.17
C LEU A 171 -9.07 0.96 -18.69
N GLY A 172 -9.59 -0.11 -18.09
CA GLY A 172 -8.74 -1.17 -17.60
C GLY A 172 -7.98 -0.89 -16.32
N ILE A 173 -8.33 0.15 -15.57
CA ILE A 173 -7.58 0.49 -14.37
C ILE A 173 -7.99 -0.45 -13.24
N ARG A 174 -7.03 -1.18 -12.71
CA ARG A 174 -7.24 -2.12 -11.60
C ARG A 174 -5.86 -2.56 -11.15
N ARG A 175 -5.82 -3.20 -9.98
CA ARG A 175 -4.59 -3.80 -9.51
C ARG A 175 -4.25 -5.01 -10.36
N TYR A 176 -3.04 -5.06 -10.91
CA TYR A 176 -2.58 -6.29 -11.57
C TYR A 176 -1.56 -7.03 -10.73
N GLY A 177 -0.56 -6.32 -10.20
CA GLY A 177 0.48 -7.01 -9.44
C GLY A 177 1.54 -7.56 -10.37
N PHE A 178 2.77 -7.66 -9.85
CA PHE A 178 3.93 -8.07 -10.65
C PHE A 178 4.78 -8.98 -9.77
N HIS A 179 6.01 -9.26 -10.20
CA HIS A 179 6.83 -10.28 -9.57
C HIS A 179 6.11 -11.62 -9.49
N GLY A 180 5.12 -11.84 -10.36
CA GLY A 180 4.36 -13.08 -10.26
C GLY A 180 5.24 -14.30 -10.37
N THR A 181 6.20 -14.27 -11.31
CA THR A 181 7.07 -15.42 -11.49
C THR A 181 7.91 -15.68 -10.22
N SER A 182 8.38 -14.63 -9.56
CA SER A 182 9.18 -14.83 -8.34
C SER A 182 8.32 -15.35 -7.18
N HIS A 183 7.14 -14.74 -6.95
CA HIS A 183 6.28 -15.19 -5.84
C HIS A 183 5.81 -16.63 -6.05
N HIS A 184 5.41 -16.97 -7.27
CA HIS A 184 5.08 -18.36 -7.60
C HIS A 184 6.26 -19.29 -7.31
N TYR A 185 7.44 -18.93 -7.79
CA TYR A 185 8.61 -19.79 -7.58
C TYR A 185 8.90 -20.02 -6.09
N VAL A 186 9.03 -18.95 -5.29
CA VAL A 186 9.49 -19.17 -3.92
C VAL A 186 8.40 -19.82 -3.09
N SER A 187 7.12 -19.54 -3.36
CA SER A 187 6.06 -20.17 -2.57
C SER A 187 5.99 -21.65 -2.87
N SER A 188 6.16 -22.04 -4.13
CA SER A 188 6.23 -23.47 -4.44
C SER A 188 7.44 -24.10 -3.80
N ALA A 189 8.59 -23.40 -3.79
CA ALA A 189 9.78 -23.97 -3.17
C ALA A 189 9.63 -24.12 -1.66
N LEU A 190 8.93 -23.17 -1.02
CA LEU A 190 8.65 -23.29 0.41
C LEU A 190 7.89 -24.57 0.72
N ALA A 191 6.83 -24.85 -0.07
CA ALA A 191 6.00 -26.02 0.19
C ALA A 191 6.77 -27.31 -0.04
N GLU A 192 7.61 -27.34 -1.08
CA GLU A 192 8.50 -28.48 -1.30
C GLU A 192 9.45 -28.68 -0.11
N LYS A 193 10.02 -27.59 0.41
CA LYS A 193 10.92 -27.71 1.56
C LYS A 193 10.19 -28.15 2.81
N LEU A 194 8.95 -27.70 3.01
CA LEU A 194 8.17 -28.15 4.15
C LEU A 194 7.54 -29.52 3.96
N GLY A 195 7.57 -30.07 2.75
CA GLY A 195 6.92 -31.34 2.50
C GLY A 195 5.43 -31.31 2.70
N VAL A 196 4.79 -30.18 2.41
CA VAL A 196 3.33 -30.05 2.49
C VAL A 196 2.84 -29.36 1.22
N PRO A 197 1.58 -29.57 0.82
CA PRO A 197 1.07 -28.85 -0.34
C PRO A 197 0.87 -27.38 -0.01
N LEU A 198 1.22 -26.52 -0.97
CA LEU A 198 1.03 -25.08 -0.79
C LEU A 198 -0.39 -24.75 -0.35
N SER A 199 -1.37 -25.54 -0.80
CA SER A 199 -2.76 -25.27 -0.48
C SER A 199 -3.04 -25.37 1.02
N ALA A 200 -2.17 -26.03 1.78
CA ALA A 200 -2.39 -26.13 3.22
C ALA A 200 -1.85 -24.93 4.00
N LEU A 201 -1.20 -23.96 3.36
CA LEU A 201 -0.49 -22.91 4.05
C LEU A 201 -1.02 -21.53 3.70
N ARG A 202 -1.06 -20.65 4.70
CA ARG A 202 -1.27 -19.23 4.49
C ARG A 202 0.11 -18.57 4.48
N VAL A 203 0.51 -18.04 3.32
CA VAL A 203 1.87 -17.62 3.06
C VAL A 203 1.87 -16.13 2.76
N VAL A 204 2.81 -15.40 3.36
CA VAL A 204 3.13 -14.07 2.88
C VAL A 204 4.54 -14.11 2.33
N SER A 205 4.71 -13.62 1.10
CA SER A 205 5.95 -13.71 0.36
C SER A 205 6.46 -12.29 0.13
N CYS A 206 7.71 -12.01 0.54
CA CYS A 206 8.32 -10.68 0.43
C CYS A 206 9.48 -10.72 -0.56
N HIS A 207 9.27 -10.17 -1.75
CA HIS A 207 10.37 -10.05 -2.71
C HIS A 207 10.99 -8.66 -2.55
N LEU A 208 12.15 -8.61 -1.92
CA LEU A 208 12.77 -7.33 -1.57
C LEU A 208 14.08 -7.19 -2.37
N GLY A 209 14.02 -6.42 -3.44
CA GLY A 209 15.18 -6.17 -4.26
C GLY A 209 15.17 -4.71 -4.64
N ASN A 210 15.70 -4.35 -5.80
CA ASN A 210 15.56 -2.97 -6.23
C ASN A 210 14.08 -2.62 -6.36
N GLY A 211 13.31 -3.49 -7.02
CA GLY A 211 11.87 -3.52 -6.87
C GLY A 211 11.46 -4.45 -5.73
N CYS A 212 10.36 -4.10 -5.06
CA CYS A 212 9.91 -4.78 -3.86
C CYS A 212 8.41 -4.98 -3.94
N SER A 213 7.96 -6.18 -3.56
CA SER A 213 6.54 -6.46 -3.57
C SER A 213 6.27 -7.55 -2.56
N VAL A 214 5.07 -7.51 -1.99
CA VAL A 214 4.60 -8.51 -1.04
C VAL A 214 3.41 -9.21 -1.67
N CYS A 215 3.28 -10.50 -1.42
CA CYS A 215 2.22 -11.30 -1.99
C CYS A 215 1.64 -12.20 -0.91
N ALA A 216 0.32 -12.26 -0.85
CA ALA A 216 -0.38 -13.17 0.04
C ALA A 216 -0.86 -14.36 -0.79
N ILE A 217 -0.57 -15.57 -0.33
CA ILE A 217 -0.87 -16.80 -1.06
C ILE A 217 -1.66 -17.73 -0.14
N LYS A 218 -2.93 -17.96 -0.46
CA LYS A 218 -3.78 -18.83 0.35
C LYS A 218 -4.47 -19.85 -0.54
N GLY A 219 -4.48 -21.09 -0.09
CA GLY A 219 -5.03 -22.16 -0.90
C GLY A 219 -4.26 -22.39 -2.18
N GLY A 220 -2.98 -22.03 -2.20
CA GLY A 220 -2.19 -22.21 -3.40
C GLY A 220 -2.31 -21.10 -4.42
N GLN A 221 -3.10 -20.04 -4.13
CA GLN A 221 -3.33 -18.97 -5.09
C GLN A 221 -2.99 -17.62 -4.48
N SER A 222 -2.48 -16.72 -5.33
CA SER A 222 -2.35 -15.32 -4.93
C SER A 222 -3.72 -14.73 -4.60
N VAL A 223 -3.85 -14.17 -3.40
CA VAL A 223 -5.07 -13.46 -3.02
C VAL A 223 -4.85 -11.97 -2.80
N ASN A 224 -3.60 -11.52 -2.77
CA ASN A 224 -3.32 -10.09 -2.83
C ASN A 224 -1.84 -9.90 -3.09
N THR A 225 -1.49 -8.70 -3.55
CA THR A 225 -0.09 -8.36 -3.78
C THR A 225 0.01 -6.84 -3.86
N SER A 226 1.20 -6.32 -3.56
CA SER A 226 1.28 -4.89 -3.21
C SER A 226 1.47 -3.98 -4.41
N MET A 227 2.11 -4.44 -5.47
CA MET A 227 2.13 -3.59 -6.65
C MET A 227 0.73 -3.58 -7.25
N GLY A 228 0.37 -2.49 -7.91
CA GLY A 228 -1.00 -2.34 -8.32
C GLY A 228 -1.19 -2.24 -9.81
N PHE A 229 -1.58 -1.05 -10.26
CA PHE A 229 -1.77 -0.78 -11.68
C PHE A 229 -0.45 -0.87 -12.45
N THR A 230 0.65 -0.42 -11.83
CA THR A 230 1.98 -0.57 -12.42
C THR A 230 2.97 -1.00 -11.33
N PRO A 231 4.21 -1.37 -11.67
CA PRO A 231 5.18 -1.75 -10.65
C PRO A 231 5.68 -0.60 -9.77
N GLN A 232 5.11 0.61 -9.92
CA GLN A 232 5.51 1.74 -9.08
C GLN A 232 5.01 1.64 -7.65
N SER A 233 3.94 0.91 -7.39
CA SER A 233 3.18 1.11 -6.16
C SER A 233 3.42 -0.01 -5.16
N GLY A 234 2.81 0.17 -3.98
CA GLY A 234 2.94 -0.78 -2.91
C GLY A 234 3.93 -0.30 -1.87
N VAL A 235 4.98 -1.08 -1.59
CA VAL A 235 5.90 -0.71 -0.53
C VAL A 235 6.99 0.22 -1.06
N MET A 236 7.82 0.71 -0.15
CA MET A 236 8.91 1.59 -0.51
C MET A 236 10.04 0.76 -1.13
N MET A 237 10.68 1.32 -2.16
CA MET A 237 11.71 0.59 -2.91
C MET A 237 12.97 1.44 -3.06
N GLY A 238 13.84 1.04 -3.99
CA GLY A 238 15.12 1.72 -4.13
C GLY A 238 14.96 3.16 -4.59
N THR A 239 14.21 3.36 -5.68
CA THR A 239 13.90 4.70 -6.17
C THR A 239 12.40 4.94 -6.31
N ARG A 240 11.56 3.92 -6.08
CA ARG A 240 10.12 4.05 -6.22
C ARG A 240 9.52 4.36 -4.85
N SER A 241 8.56 5.30 -4.84
CA SER A 241 7.91 5.68 -3.59
C SER A 241 7.02 4.57 -3.04
N GLY A 242 6.45 3.74 -3.91
CA GLY A 242 5.33 2.94 -3.42
C GLY A 242 4.10 3.82 -3.19
N ASP A 243 3.16 3.28 -2.43
CA ASP A 243 1.93 4.03 -2.16
C ASP A 243 2.21 5.31 -1.40
N ILE A 244 1.57 6.40 -1.84
CA ILE A 244 1.56 7.66 -1.09
C ILE A 244 0.15 8.24 -1.19
N ASP A 245 -0.09 9.27 -0.39
CA ASP A 245 -1.36 10.01 -0.44
C ASP A 245 -1.61 10.52 -1.86
N PRO A 246 -2.62 10.00 -2.57
CA PRO A 246 -2.85 10.43 -3.96
C PRO A 246 -3.04 11.94 -4.11
N SER A 247 -3.61 12.61 -3.12
CA SER A 247 -3.86 14.04 -3.22
C SER A 247 -2.57 14.87 -3.23
N ILE A 248 -1.42 14.26 -2.96
CA ILE A 248 -0.16 14.98 -3.11
C ILE A 248 0.06 15.35 -4.58
N LEU A 249 -0.32 14.45 -5.51
CA LEU A 249 0.06 14.65 -6.91
C LEU A 249 -0.64 15.86 -7.52
N PRO A 250 -1.95 16.03 -7.41
CA PRO A 250 -2.54 17.29 -7.92
C PRO A 250 -1.96 18.51 -7.24
N TRP A 251 -1.65 18.40 -5.95
CA TRP A 251 -1.00 19.48 -5.22
C TRP A 251 0.31 19.88 -5.88
N LEU A 252 1.14 18.89 -6.22
CA LEU A 252 2.41 19.17 -6.87
C LEU A 252 2.24 19.68 -8.30
N VAL A 253 1.24 19.17 -9.03
CA VAL A 253 0.98 19.72 -10.37
C VAL A 253 0.64 21.20 -10.26
N GLU A 254 -0.18 21.56 -9.27
CA GLU A 254 -0.57 22.95 -9.14
C GLU A 254 0.60 23.82 -8.66
N LYS A 255 1.40 23.32 -7.71
CA LYS A 255 2.43 24.13 -7.08
C LYS A 255 3.69 24.20 -7.92
N GLU A 256 4.14 23.06 -8.44
CA GLU A 256 5.39 22.98 -9.17
C GLU A 256 5.20 22.85 -10.67
N GLY A 257 3.95 22.74 -11.14
CA GLY A 257 3.72 22.57 -12.57
C GLY A 257 4.30 21.30 -13.15
N LYS A 258 4.34 20.21 -12.38
CA LYS A 258 4.89 18.95 -12.88
C LYS A 258 4.06 18.40 -14.04
N SER A 259 4.74 17.94 -15.09
CA SER A 259 4.08 17.22 -16.18
C SER A 259 3.77 15.79 -15.74
N ALA A 260 2.97 15.09 -16.55
CA ALA A 260 2.73 13.67 -16.29
C ALA A 260 4.04 12.90 -16.26
N GLN A 261 4.92 13.15 -17.24
CA GLN A 261 6.21 12.47 -17.27
C GLN A 261 7.04 12.77 -16.01
N GLN A 262 7.05 14.03 -15.57
CA GLN A 262 7.81 14.36 -14.37
C GLN A 262 7.20 13.72 -13.14
N LEU A 263 5.87 13.61 -13.09
CA LEU A 263 5.24 12.90 -11.96
C LEU A 263 5.69 11.44 -11.92
N SER A 264 5.73 10.79 -13.07
CA SER A 264 6.18 9.38 -13.09
C SER A 264 7.62 9.28 -12.66
N GLN A 265 8.48 10.15 -13.18
CA GLN A 265 9.89 10.19 -12.78
C GLN A 265 10.02 10.40 -11.27
N LEU A 266 9.27 11.37 -10.73
CA LEU A 266 9.21 11.54 -9.28
C LEU A 266 8.92 10.23 -8.58
N LEU A 267 7.83 9.56 -8.97
CA LEU A 267 7.37 8.37 -8.25
C LEU A 267 8.28 7.16 -8.45
N ASN A 268 9.00 7.11 -9.57
CA ASN A 268 9.70 5.89 -9.98
C ASN A 268 11.21 5.97 -9.89
N ASN A 269 11.78 7.17 -10.07
CA ASN A 269 13.22 7.34 -10.19
C ASN A 269 13.85 8.19 -9.09
N GLU A 270 13.07 9.00 -8.38
CA GLU A 270 13.63 9.96 -7.43
C GLU A 270 13.24 9.68 -5.98
N SER A 271 12.42 8.67 -5.72
CA SER A 271 11.79 8.48 -4.42
C SER A 271 12.47 7.30 -3.72
N GLY A 272 11.75 6.64 -2.82
CA GLY A 272 12.24 5.44 -2.18
C GLY A 272 13.49 5.70 -1.34
N LEU A 273 14.31 4.66 -1.23
CA LEU A 273 15.52 4.76 -0.42
C LEU A 273 16.39 5.92 -0.87
N LEU A 274 16.48 6.13 -2.18
CA LEU A 274 17.28 7.22 -2.71
C LEU A 274 16.72 8.57 -2.26
N GLY A 275 15.41 8.77 -2.42
CA GLY A 275 14.82 10.05 -2.12
C GLY A 275 14.83 10.39 -0.64
N VAL A 276 14.59 9.40 0.22
CA VAL A 276 14.58 9.65 1.66
C VAL A 276 16.01 9.81 2.20
N SER A 277 16.91 8.89 1.84
CA SER A 277 18.24 8.92 2.44
C SER A 277 19.09 10.04 1.87
N GLY A 278 18.88 10.39 0.60
CA GLY A 278 19.79 11.31 -0.04
C GLY A 278 21.14 10.70 -0.35
N VAL A 279 21.28 9.40 -0.16
CA VAL A 279 22.55 8.71 -0.31
C VAL A 279 22.55 7.82 -1.55
N SER A 280 21.68 6.83 -1.59
CA SER A 280 21.75 5.82 -2.63
C SER A 280 20.42 5.11 -2.69
N SER A 281 20.17 4.47 -3.84
CA SER A 281 19.08 3.51 -3.95
C SER A 281 19.49 2.14 -3.45
N ASP A 282 20.79 1.89 -3.32
CA ASP A 282 21.29 0.57 -2.93
C ASP A 282 21.18 0.40 -1.42
N TYR A 283 20.49 -0.66 -1.00
CA TYR A 283 20.26 -0.91 0.43
C TYR A 283 21.57 -0.89 1.23
N ARG A 284 22.61 -1.55 0.70
CA ARG A 284 23.88 -1.62 1.41
C ARG A 284 24.51 -0.24 1.56
N ASP A 285 24.46 0.57 0.50
CA ASP A 285 25.02 1.92 0.60
C ASP A 285 24.29 2.73 1.67
N VAL A 286 22.95 2.69 1.66
CA VAL A 286 22.17 3.43 2.65
C VAL A 286 22.51 2.95 4.06
N GLU A 287 22.64 1.63 4.23
CA GLU A 287 22.96 1.07 5.54
C GLU A 287 24.33 1.54 6.00
N GLN A 288 25.30 1.56 5.08
CA GLN A 288 26.63 2.04 5.41
C GLN A 288 26.58 3.48 5.90
N ALA A 289 25.87 4.35 5.17
CA ALA A 289 25.75 5.74 5.61
C ALA A 289 25.02 5.84 6.94
N ALA A 290 23.98 5.01 7.13
CA ALA A 290 23.22 5.05 8.37
C ALA A 290 24.09 4.69 9.57
N ASP A 291 24.93 3.66 9.42
CA ASP A 291 25.78 3.26 10.54
C ASP A 291 26.84 4.30 10.85
N ALA A 292 27.19 5.16 9.89
CA ALA A 292 28.14 6.24 10.13
C ALA A 292 27.48 7.50 10.69
N GLY A 293 26.18 7.47 10.95
CA GLY A 293 25.50 8.58 11.59
C GLY A 293 24.54 9.38 10.74
N ASN A 294 24.40 9.06 9.44
CA ASN A 294 23.46 9.79 8.58
C ASN A 294 22.02 9.49 9.01
N GLU A 295 21.36 10.48 9.60
CA GLU A 295 20.04 10.26 10.19
C GLU A 295 18.96 10.07 9.13
N ARG A 296 19.08 10.73 7.97
CA ARG A 296 18.13 10.47 6.91
C ARG A 296 18.25 9.03 6.40
N ALA A 297 19.49 8.52 6.31
CA ALA A 297 19.70 7.15 5.85
C ALA A 297 19.11 6.15 6.84
N ALA A 298 19.32 6.38 8.14
CA ALA A 298 18.69 5.54 9.16
C ALA A 298 17.17 5.61 9.08
N LEU A 299 16.63 6.80 8.82
CA LEU A 299 15.18 6.90 8.68
C LEU A 299 14.71 6.18 7.42
N ALA A 300 15.47 6.29 6.32
CA ALA A 300 15.11 5.56 5.11
C ALA A 300 14.95 4.08 5.39
N LEU A 301 15.88 3.50 6.17
CA LEU A 301 15.85 2.06 6.41
C LEU A 301 14.68 1.68 7.31
N SER A 302 14.37 2.54 8.29
CA SER A 302 13.28 2.27 9.20
C SER A 302 11.93 2.36 8.49
N LEU A 303 11.75 3.39 7.66
CA LEU A 303 10.53 3.53 6.87
C LEU A 303 10.35 2.36 5.91
N PHE A 304 11.45 1.91 5.30
CA PHE A 304 11.43 0.75 4.40
C PHE A 304 10.83 -0.46 5.09
N ALA A 305 11.32 -0.77 6.29
CA ALA A 305 10.79 -1.92 7.03
C ALA A 305 9.35 -1.69 7.46
N GLU A 306 9.00 -0.47 7.86
CA GLU A 306 7.65 -0.16 8.32
C GLU A 306 6.63 -0.34 7.21
N ARG A 307 6.95 0.10 5.98
CA ARG A 307 6.00 -0.07 4.89
C ARG A 307 5.75 -1.55 4.62
N ILE A 308 6.80 -2.37 4.65
CA ILE A 308 6.63 -3.81 4.43
C ILE A 308 5.81 -4.42 5.56
N ARG A 309 6.10 -4.03 6.81
CA ARG A 309 5.32 -4.54 7.94
C ARG A 309 3.85 -4.19 7.80
N ALA A 310 3.54 -2.95 7.39
CA ALA A 310 2.14 -2.57 7.22
C ALA A 310 1.45 -3.45 6.18
N THR A 311 2.15 -3.78 5.11
CA THR A 311 1.55 -4.58 4.05
C THR A 311 1.37 -6.03 4.50
N ILE A 312 2.38 -6.60 5.16
CA ILE A 312 2.22 -7.93 5.75
C ILE A 312 1.01 -7.95 6.68
N GLY A 313 0.88 -6.93 7.53
CA GLY A 313 -0.25 -6.90 8.46
C GLY A 313 -1.60 -6.91 7.75
N SER A 314 -1.75 -6.11 6.69
CA SER A 314 -2.99 -6.13 5.89
C SER A 314 -3.29 -7.52 5.35
N TYR A 315 -2.27 -8.24 4.93
CA TYR A 315 -2.51 -9.52 4.28
C TYR A 315 -2.75 -10.64 5.29
N ILE A 316 -2.08 -10.59 6.44
CA ILE A 316 -2.42 -11.53 7.50
C ILE A 316 -3.87 -11.35 7.90
N MET A 317 -4.30 -10.09 8.03
CA MET A 317 -5.70 -9.82 8.36
C MET A 317 -6.61 -10.46 7.32
N GLN A 318 -6.31 -10.22 6.05
CA GLN A 318 -7.14 -10.72 4.97
C GLN A 318 -7.24 -12.24 5.00
N MET A 319 -6.12 -12.94 5.23
CA MET A 319 -6.15 -14.39 5.23
C MET A 319 -6.68 -14.98 6.54
N GLY A 320 -6.77 -14.19 7.61
CA GLY A 320 -7.17 -14.73 8.90
C GLY A 320 -6.07 -15.42 9.68
N GLY A 321 -4.81 -15.04 9.46
CA GLY A 321 -3.64 -15.59 10.13
C GLY A 321 -2.55 -15.92 9.13
N LEU A 322 -1.50 -16.57 9.63
CA LEU A 322 -0.29 -16.78 8.83
C LEU A 322 0.39 -18.08 9.28
N ASP A 323 0.81 -18.90 8.30
CA ASP A 323 1.63 -20.08 8.60
C ASP A 323 3.08 -19.92 8.16
N ALA A 324 3.37 -19.06 7.20
CA ALA A 324 4.75 -18.93 6.76
C ALA A 324 5.00 -17.55 6.16
N LEU A 325 6.17 -17.00 6.45
CA LEU A 325 6.67 -15.77 5.86
C LEU A 325 7.94 -16.07 5.05
N ILE A 326 7.99 -15.63 3.80
CA ILE A 326 9.14 -15.87 2.92
C ILE A 326 9.85 -14.56 2.64
N PHE A 327 11.17 -14.57 2.76
CA PHE A 327 12.00 -13.46 2.31
C PHE A 327 12.78 -13.89 1.08
N THR A 328 12.75 -13.05 0.03
CA THR A 328 13.53 -13.32 -1.16
C THR A 328 13.92 -11.98 -1.80
N GLY A 329 14.63 -12.08 -2.91
CA GLY A 329 15.22 -10.91 -3.54
C GLY A 329 16.57 -10.57 -2.91
N GLY A 330 17.25 -9.58 -3.51
CA GLY A 330 18.61 -9.28 -3.10
C GLY A 330 18.70 -8.80 -1.64
N ILE A 331 17.71 -8.01 -1.20
CA ILE A 331 17.67 -7.62 0.21
C ILE A 331 17.13 -8.75 1.08
N GLY A 332 16.00 -9.36 0.69
CA GLY A 332 15.41 -10.36 1.55
C GLY A 332 16.30 -11.57 1.76
N GLU A 333 17.13 -11.90 0.76
CA GLU A 333 18.03 -13.05 0.84
C GLU A 333 19.24 -12.78 1.72
N ASN A 334 19.72 -11.53 1.75
CA ASN A 334 21.02 -11.25 2.32
C ASN A 334 21.01 -10.40 3.58
N SER A 335 19.95 -9.62 3.83
CA SER A 335 19.94 -8.67 4.96
C SER A 335 19.28 -9.28 6.19
N ALA A 336 20.10 -9.90 7.04
CA ALA A 336 19.64 -10.31 8.35
C ALA A 336 19.07 -9.14 9.13
N ARG A 337 19.65 -7.94 8.96
CA ARG A 337 19.16 -6.78 9.71
C ARG A 337 17.78 -6.33 9.23
N ALA A 338 17.55 -6.30 7.91
CA ALA A 338 16.20 -5.94 7.44
C ALA A 338 15.17 -6.97 7.90
N ARG A 339 15.52 -8.25 7.85
CA ARG A 339 14.56 -9.28 8.26
C ARG A 339 14.25 -9.16 9.75
N ALA A 340 15.26 -8.84 10.57
CA ALA A 340 15.02 -8.69 11.99
C ALA A 340 14.09 -7.52 12.30
N ALA A 341 14.28 -6.39 11.61
CA ALA A 341 13.43 -5.23 11.85
C ALA A 341 12.00 -5.49 11.40
N ILE A 342 11.82 -6.21 10.28
CA ILE A 342 10.49 -6.51 9.75
C ILE A 342 9.75 -7.48 10.67
N CYS A 343 10.47 -8.38 11.35
CA CYS A 343 9.87 -9.46 12.13
C CYS A 343 9.75 -9.14 13.62
N ARG A 344 10.16 -7.94 14.05
CA ARG A 344 10.23 -7.64 15.46
C ARG A 344 8.83 -7.56 16.09
N ASN A 345 8.74 -7.95 17.35
CA ASN A 345 7.53 -7.77 18.17
C ASN A 345 6.28 -8.36 17.50
N LEU A 346 6.41 -9.58 16.99
CA LEU A 346 5.27 -10.26 16.37
C LEU A 346 4.81 -11.46 17.19
N HIS A 347 4.94 -11.37 18.52
CA HIS A 347 4.42 -12.43 19.37
C HIS A 347 2.90 -12.61 19.24
N PHE A 348 2.14 -11.57 18.86
CA PHE A 348 0.72 -11.83 18.67
C PHE A 348 0.44 -12.85 17.55
N LEU A 349 1.42 -13.13 16.69
CA LEU A 349 1.30 -14.14 15.65
C LEU A 349 2.03 -15.44 15.99
N GLY A 350 2.74 -15.50 17.10
CA GLY A 350 3.63 -16.63 17.29
C GLY A 350 4.81 -16.61 16.34
N LEU A 351 5.28 -15.42 15.98
CA LEU A 351 6.37 -15.26 15.02
C LEU A 351 7.55 -14.61 15.72
N ALA A 352 8.67 -15.32 15.81
CA ALA A 352 9.93 -14.76 16.26
C ALA A 352 11.06 -15.45 15.52
N LEU A 353 12.23 -14.81 15.49
CA LEU A 353 13.38 -15.29 14.75
C LEU A 353 14.41 -15.92 15.68
N ASP A 354 15.16 -16.88 15.13
CA ASP A 354 16.36 -17.38 15.77
C ASP A 354 17.53 -16.53 15.29
N ASP A 355 18.17 -15.80 16.22
CA ASP A 355 19.18 -14.85 15.79
C ASP A 355 20.34 -15.52 15.07
N GLU A 356 20.80 -16.67 15.56
CA GLU A 356 21.93 -17.35 14.94
C GLU A 356 21.59 -17.78 13.51
N LYS A 357 20.42 -18.40 13.32
CA LYS A 357 20.00 -18.79 11.98
C LYS A 357 19.82 -17.58 11.06
N ASN A 358 19.24 -16.50 11.58
CA ASN A 358 19.04 -15.30 10.77
C ASN A 358 20.37 -14.70 10.34
N GLN A 359 21.36 -14.68 11.25
CA GLN A 359 22.64 -14.08 10.95
C GLN A 359 23.36 -14.78 9.80
N ARG A 360 23.18 -16.09 9.65
CA ARG A 360 23.79 -16.80 8.54
C ARG A 360 22.82 -17.03 7.38
N SER A 361 21.63 -16.41 7.41
CA SER A 361 20.65 -16.58 6.35
C SER A 361 20.35 -18.05 6.10
N ALA A 362 20.11 -18.80 7.18
CA ALA A 362 19.66 -20.18 7.04
C ALA A 362 18.35 -20.21 6.26
N THR A 363 18.04 -21.38 5.69
CA THR A 363 16.80 -21.49 4.91
C THR A 363 15.59 -21.22 5.78
N PHE A 364 15.59 -21.73 7.02
CA PHE A 364 14.55 -21.42 7.98
C PHE A 364 15.17 -20.69 9.17
N ILE A 365 14.59 -19.54 9.53
CA ILE A 365 15.19 -18.67 10.54
C ILE A 365 14.25 -18.39 11.70
N GLN A 366 13.09 -19.05 11.76
CA GLN A 366 12.20 -18.81 12.88
C GLN A 366 12.75 -19.46 14.15
N ALA A 367 12.35 -18.92 15.29
CA ALA A 367 12.77 -19.44 16.58
C ALA A 367 12.20 -20.84 16.81
N ASP A 368 12.82 -21.55 17.76
CA ASP A 368 12.45 -22.93 18.06
C ASP A 368 10.97 -23.09 18.35
N ASN A 369 10.39 -22.17 19.11
CA ASN A 369 9.01 -22.32 19.55
C ASN A 369 8.04 -21.42 18.79
N ALA A 370 8.47 -20.88 17.65
CA ALA A 370 7.58 -20.06 16.82
C ALA A 370 6.52 -20.93 16.15
N LEU A 371 5.32 -20.38 16.00
CA LEU A 371 4.29 -21.07 15.23
C LEU A 371 4.39 -20.78 13.74
N VAL A 372 5.04 -19.70 13.35
CA VAL A 372 5.16 -19.31 11.95
C VAL A 372 6.53 -19.74 11.45
N LYS A 373 6.56 -20.39 10.28
CA LYS A 373 7.81 -20.64 9.58
C LYS A 373 8.25 -19.39 8.84
N VAL A 374 9.53 -19.05 8.94
CA VAL A 374 10.07 -17.88 8.27
C VAL A 374 11.24 -18.38 7.42
N ALA A 375 11.10 -18.27 6.10
CA ALA A 375 12.06 -18.87 5.18
C ALA A 375 12.79 -17.79 4.40
N VAL A 376 14.07 -18.04 4.16
CA VAL A 376 14.91 -17.25 3.26
C VAL A 376 15.18 -18.14 2.05
N ILE A 377 14.57 -17.81 0.91
CA ILE A 377 14.63 -18.64 -0.27
C ILE A 377 15.16 -17.79 -1.43
N ASN A 378 16.20 -18.28 -2.10
CA ASN A 378 16.73 -17.56 -3.25
C ASN A 378 15.74 -17.67 -4.39
N THR A 379 15.36 -16.53 -4.95
CA THR A 379 14.44 -16.61 -6.07
C THR A 379 15.21 -16.92 -7.34
N ASN A 380 14.56 -17.62 -8.24
CA ASN A 380 15.18 -18.06 -9.48
C ASN A 380 14.10 -17.95 -10.56
N GLU A 381 13.86 -16.73 -11.03
CA GLU A 381 12.82 -16.50 -12.02
C GLU A 381 13.11 -17.22 -13.32
N GLU A 382 14.39 -17.29 -13.71
CA GLU A 382 14.72 -17.94 -14.97
C GLU A 382 14.44 -19.44 -14.90
N LEU A 383 14.71 -20.05 -13.75
CA LEU A 383 14.33 -21.46 -13.58
C LEU A 383 12.82 -21.62 -13.63
N MET A 384 12.09 -20.72 -12.97
CA MET A 384 10.63 -20.75 -13.04
C MET A 384 10.16 -20.67 -14.48
N ILE A 385 10.72 -19.75 -15.25
CA ILE A 385 10.38 -19.64 -16.68
C ILE A 385 10.73 -20.95 -17.41
N ALA A 386 11.90 -21.52 -17.13
CA ALA A 386 12.25 -22.75 -17.83
C ALA A 386 11.30 -23.88 -17.49
N ARG A 387 10.79 -23.91 -16.26
CA ARG A 387 9.79 -24.91 -15.88
C ARG A 387 8.48 -24.70 -16.64
N ASP A 388 8.07 -23.44 -16.82
CA ASP A 388 6.87 -23.18 -17.64
C ASP A 388 7.09 -23.61 -19.09
N VAL A 389 8.29 -23.40 -19.63
CA VAL A 389 8.57 -23.85 -20.99
C VAL A 389 8.41 -25.37 -21.08
N MET A 390 8.99 -26.09 -20.11
CA MET A 390 8.89 -27.54 -20.13
C MET A 390 7.43 -27.99 -20.07
N ARG A 391 6.68 -27.39 -19.15
CA ARG A 391 5.29 -27.78 -18.92
C ARG A 391 4.45 -27.59 -20.20
N LEU A 392 4.60 -26.43 -20.85
CA LEU A 392 3.75 -26.08 -21.98
C LEU A 392 4.31 -26.47 -23.35
N ALA A 393 5.64 -26.47 -23.52
CA ALA A 393 6.24 -26.80 -24.81
C ALA A 393 6.69 -28.24 -24.92
N LEU A 394 7.02 -28.89 -23.80
CA LEU A 394 7.56 -30.26 -23.81
C LEU A 394 6.83 -31.13 -22.81
N PRO A 395 5.50 -31.28 -22.97
CA PRO A 395 4.75 -32.13 -22.02
C PRO A 395 5.28 -33.55 -21.90
N GLN A 396 5.83 -34.12 -22.98
CA GLN A 396 6.36 -35.48 -22.98
C GLN A 396 7.35 -35.73 -21.83
N TYR B 3 -21.08 25.51 33.98
CA TYR B 3 -20.55 26.47 33.01
C TYR B 3 -21.26 26.36 31.66
N LYS B 4 -21.20 27.44 30.88
CA LYS B 4 -21.81 27.54 29.56
C LYS B 4 -20.70 27.66 28.53
N ILE B 5 -20.53 26.63 27.70
CA ILE B 5 -19.49 26.61 26.69
C ILE B 5 -20.13 26.53 25.30
N MET B 6 -19.62 27.33 24.38
CA MET B 6 -20.16 27.43 23.02
C MET B 6 -19.21 26.73 22.06
N ALA B 7 -19.69 25.66 21.41
CA ALA B 7 -18.92 24.96 20.38
C ALA B 7 -19.27 25.55 19.01
N ILE B 8 -18.24 25.99 18.29
CA ILE B 8 -18.43 26.72 17.04
C ILE B 8 -17.76 25.93 15.92
N ASN B 9 -18.47 25.78 14.80
CA ASN B 9 -17.91 25.16 13.60
C ASN B 9 -18.28 26.05 12.41
N ALA B 10 -17.35 26.91 12.01
CA ALA B 10 -17.58 27.87 10.92
C ALA B 10 -17.27 27.21 9.59
N GLY B 11 -18.28 26.55 9.01
CA GLY B 11 -18.18 26.15 7.63
C GLY B 11 -18.16 27.34 6.70
N SER B 12 -17.49 27.18 5.55
CA SER B 12 -17.21 28.33 4.70
C SER B 12 -18.46 29.04 4.20
N SER B 13 -19.65 28.42 4.34
CA SER B 13 -20.90 29.15 4.13
C SER B 13 -21.96 28.69 5.12
N SER B 14 -21.55 28.34 6.34
CA SER B 14 -22.45 27.84 7.37
C SER B 14 -21.92 28.26 8.74
N LEU B 15 -22.57 27.77 9.79
CA LEU B 15 -22.15 28.05 11.16
C LEU B 15 -22.89 27.14 12.15
N LYS B 16 -22.37 25.93 12.37
CA LYS B 16 -22.97 25.06 13.36
C LYS B 16 -22.64 25.59 14.76
N PHE B 17 -23.63 25.52 15.66
CA PHE B 17 -23.39 25.96 17.02
C PHE B 17 -24.01 24.98 18.00
N GLN B 18 -23.38 24.87 19.16
CA GLN B 18 -23.91 24.11 20.28
C GLN B 18 -23.50 24.83 21.54
N LEU B 19 -24.45 25.02 22.45
CA LEU B 19 -24.17 25.50 23.80
C LEU B 19 -24.47 24.37 24.77
N LEU B 20 -23.53 24.09 25.67
CA LEU B 20 -23.62 22.94 26.56
C LEU B 20 -23.51 23.35 28.02
N ASN B 21 -24.17 22.58 28.89
CA ASN B 21 -24.05 22.71 30.34
C ASN B 21 -22.86 21.87 30.78
N MET B 22 -21.69 22.50 30.90
CA MET B 22 -20.59 21.72 31.44
C MET B 22 -20.61 21.77 32.96
N PRO B 23 -20.01 20.78 33.64
CA PRO B 23 -19.18 19.72 33.05
C PRO B 23 -19.95 18.59 32.39
N GLN B 24 -21.14 18.25 32.88
CA GLN B 24 -21.79 17.03 32.41
C GLN B 24 -22.33 17.14 30.98
N GLY B 25 -22.12 18.27 30.30
CA GLY B 25 -22.33 18.32 28.87
C GLY B 25 -23.76 18.26 28.37
N ALA B 26 -24.73 18.58 29.22
CA ALA B 26 -26.11 18.67 28.75
C ALA B 26 -26.25 19.82 27.75
N LEU B 27 -27.02 19.58 26.70
CA LEU B 27 -27.14 20.54 25.61
C LEU B 27 -28.23 21.57 25.89
N LEU B 28 -27.96 22.81 25.49
CA LEU B 28 -28.95 23.88 25.57
C LEU B 28 -29.43 24.25 24.16
N GLN B 30 -28.67 23.31 20.06
CA GLN B 30 -28.16 23.01 18.73
C GLN B 30 -28.44 24.15 17.78
N GLY B 31 -27.79 24.17 16.61
CA GLY B 31 -27.86 25.33 15.75
C GLY B 31 -27.82 25.15 14.25
N LEU B 32 -27.56 26.26 13.54
CA LEU B 32 -27.58 26.32 12.09
C LEU B 32 -26.80 25.18 11.44
N LEU B 45 -32.59 26.21 15.78
CA LEU B 45 -32.38 26.27 17.22
C LEU B 45 -33.33 25.32 17.94
N LYS B 46 -32.81 24.59 18.94
CA LYS B 46 -33.46 23.42 19.52
C LYS B 46 -33.77 23.63 21.00
N THR B 47 -34.07 22.53 21.68
CA THR B 47 -34.13 22.48 23.14
C THR B 47 -34.40 21.06 23.62
N ILE B 84 -22.20 32.89 29.22
CA ILE B 84 -21.24 32.24 28.32
C ILE B 84 -19.84 32.32 28.90
N ASP B 85 -19.30 31.15 29.27
CA ASP B 85 -18.01 31.07 29.94
C ASP B 85 -16.84 30.95 28.97
N GLY B 86 -17.07 30.39 27.78
CA GLY B 86 -16.00 30.24 26.83
C GLY B 86 -16.53 29.67 25.52
N VAL B 87 -15.72 29.83 24.48
CA VAL B 87 -16.07 29.38 23.14
C VAL B 87 -14.96 28.47 22.62
N GLY B 88 -15.35 27.38 21.96
CA GLY B 88 -14.42 26.48 21.31
C GLY B 88 -14.64 26.48 19.81
N HIS B 89 -13.53 26.59 19.07
CA HIS B 89 -13.56 26.78 17.62
C HIS B 89 -12.92 25.57 16.95
N ARG B 90 -13.69 24.88 16.12
CA ARG B 90 -13.12 23.83 15.29
C ARG B 90 -12.15 24.44 14.27
N VAL B 91 -10.95 23.88 14.19
CA VAL B 91 -9.96 24.33 13.22
C VAL B 91 -9.50 23.10 12.47
N ALA B 92 -9.46 23.20 11.13
CA ALA B 92 -9.29 22.00 10.32
C ALA B 92 -7.85 21.49 10.36
N HIS B 93 -6.87 22.39 10.38
CA HIS B 93 -5.47 22.00 10.22
C HIS B 93 -4.61 22.78 11.20
N GLY B 94 -3.91 22.05 12.07
CA GLY B 94 -2.97 22.65 13.00
C GLY B 94 -1.51 22.45 12.64
N GLY B 95 -1.24 21.88 11.47
CA GLY B 95 0.11 21.62 11.00
C GLY B 95 0.93 20.87 12.03
N GLU B 96 2.23 21.13 12.01
CA GLU B 96 3.10 20.65 13.07
C GLU B 96 3.14 21.60 14.25
N ARG B 97 2.54 22.78 14.12
CA ARG B 97 2.70 23.81 15.14
C ARG B 97 1.91 23.48 16.41
N PHE B 98 0.72 22.91 16.28
CA PHE B 98 -0.18 22.71 17.41
C PHE B 98 -0.30 21.22 17.75
N LYS B 99 0.26 20.84 18.90
CA LYS B 99 0.11 19.47 19.39
C LYS B 99 -1.10 19.33 20.29
N ASP B 100 -1.81 20.43 20.55
CA ASP B 100 -2.96 20.42 21.44
C ASP B 100 -3.82 21.61 21.09
N ALA B 101 -5.04 21.62 21.63
CA ALA B 101 -5.87 22.82 21.58
C ALA B 101 -5.07 24.00 22.13
N ALA B 102 -5.42 25.21 21.69
CA ALA B 102 -4.69 26.42 22.06
C ALA B 102 -5.64 27.52 22.47
N LEU B 103 -5.24 28.29 23.49
CA LEU B 103 -5.96 29.51 23.83
C LEU B 103 -5.92 30.48 22.64
N VAL B 104 -7.05 31.11 22.37
CA VAL B 104 -7.13 32.02 21.23
C VAL B 104 -6.50 33.35 21.63
N CYS B 105 -5.42 33.71 20.93
CA CYS B 105 -4.76 34.99 21.11
C CYS B 105 -4.28 35.45 19.74
N ASP B 106 -3.53 36.54 19.70
CA ASP B 106 -2.98 37.01 18.44
C ASP B 106 -2.00 36.00 17.86
N ASP B 107 -1.08 35.50 18.68
CA ASP B 107 -0.13 34.49 18.22
C ASP B 107 -0.85 33.29 17.62
N THR B 108 -1.82 32.74 18.35
CA THR B 108 -2.57 31.59 17.85
C THR B 108 -3.23 31.90 16.51
N LEU B 109 -3.79 33.10 16.38
CA LEU B 109 -4.67 33.37 15.24
C LEU B 109 -3.88 33.49 13.92
N ARG B 110 -2.67 34.02 13.97
CA ARG B 110 -1.90 34.14 12.73
C ARG B 110 -1.00 32.95 12.47
N GLU B 111 -0.74 32.11 13.47
CA GLU B 111 -0.24 30.77 13.18
C GLU B 111 -1.29 29.97 12.43
N ILE B 112 -2.56 30.09 12.83
CA ILE B 112 -3.65 29.43 12.12
C ILE B 112 -3.72 29.94 10.68
N GLU B 113 -3.81 31.25 10.52
CA GLU B 113 -3.98 31.83 9.19
C GLU B 113 -2.77 31.61 8.30
N ARG B 114 -1.60 31.33 8.87
CA ARG B 114 -0.47 30.90 8.05
C ARG B 114 -0.69 29.48 7.52
N LEU B 115 -1.29 28.61 8.32
CA LEU B 115 -1.49 27.21 7.94
C LEU B 115 -2.50 27.05 6.82
N ALA B 116 -3.25 28.10 6.47
CA ALA B 116 -4.03 28.09 5.25
C ALA B 116 -3.18 27.72 4.04
N GLU B 117 -1.84 27.83 4.15
CA GLU B 117 -0.98 27.32 3.10
C GLU B 117 -1.09 25.82 2.93
N LEU B 118 -1.71 25.13 3.89
CA LEU B 118 -1.99 23.71 3.82
C LEU B 118 -3.48 23.38 3.80
N ALA B 119 -4.31 24.16 4.50
CA ALA B 119 -5.77 24.03 4.45
C ALA B 119 -6.36 25.37 3.97
N PRO B 120 -6.22 25.67 2.68
CA PRO B 120 -6.60 27.01 2.21
C PRO B 120 -8.10 27.26 2.17
N LEU B 121 -8.93 26.22 2.14
CA LEU B 121 -10.37 26.39 2.03
C LEU B 121 -11.11 26.24 3.35
N HIS B 122 -10.39 25.98 4.45
CA HIS B 122 -11.06 25.78 5.73
C HIS B 122 -10.49 26.67 6.82
N ASN B 123 -9.17 26.64 6.97
CA ASN B 123 -8.53 27.46 8.01
C ASN B 123 -8.90 28.93 7.93
N PRO B 124 -9.03 29.55 6.75
CA PRO B 124 -9.32 31.00 6.72
C PRO B 124 -10.58 31.40 7.47
N VAL B 125 -11.73 30.77 7.17
CA VAL B 125 -12.95 31.16 7.85
C VAL B 125 -13.07 30.54 9.23
N ASN B 126 -12.31 29.49 9.53
CA ASN B 126 -12.15 29.08 10.92
C ASN B 126 -11.56 30.23 11.74
N ALA B 127 -10.43 30.79 11.27
CA ALA B 127 -9.85 31.95 11.94
C ALA B 127 -10.78 33.15 11.88
N LEU B 128 -11.60 33.26 10.83
CA LEU B 128 -12.58 34.34 10.78
C LEU B 128 -13.61 34.17 11.89
N GLY B 129 -14.20 32.98 12.02
CA GLY B 129 -15.09 32.72 13.12
C GLY B 129 -14.47 33.02 14.47
N ILE B 130 -13.17 32.78 14.61
CA ILE B 130 -12.48 33.13 15.85
C ILE B 130 -12.44 34.64 16.03
N ARG B 131 -12.13 35.39 14.97
CA ARG B 131 -11.98 36.84 15.07
C ARG B 131 -13.32 37.52 15.31
N LEU B 132 -14.39 37.04 14.68
CA LEU B 132 -15.72 37.56 14.96
C LEU B 132 -16.00 37.52 16.45
N PHE B 133 -15.97 36.33 17.03
CA PHE B 133 -15.99 36.20 18.48
C PHE B 133 -14.76 36.87 19.07
N LEU B 136 -16.08 40.96 18.93
CA LEU B 136 -17.54 41.01 18.95
C LEU B 136 -18.07 40.33 20.22
N LEU B 137 -17.26 39.44 20.77
CA LEU B 137 -17.52 38.85 22.09
C LEU B 137 -16.24 38.92 22.91
N PRO B 138 -15.69 40.13 23.08
CA PRO B 138 -14.29 40.26 23.52
C PRO B 138 -14.03 39.83 24.97
N ALA B 139 -15.05 39.49 25.75
CA ALA B 139 -14.86 39.15 27.16
C ALA B 139 -14.86 37.65 27.43
N VAL B 140 -15.13 36.82 26.43
CA VAL B 140 -15.26 35.37 26.61
C VAL B 140 -13.95 34.72 26.15
N PRO B 141 -13.27 33.95 27.00
CA PRO B 141 -12.07 33.24 26.55
C PRO B 141 -12.44 32.23 25.46
N ALA B 142 -11.50 32.01 24.54
CA ALA B 142 -11.73 31.13 23.41
C ALA B 142 -10.55 30.18 23.24
N VAL B 143 -10.85 28.99 22.70
CA VAL B 143 -9.87 27.94 22.48
C VAL B 143 -10.08 27.38 21.08
N ALA B 144 -8.98 27.21 20.33
CA ALA B 144 -9.03 26.57 19.03
C ALA B 144 -8.70 25.09 19.19
N VAL B 145 -9.54 24.23 18.61
CA VAL B 145 -9.38 22.78 18.69
C VAL B 145 -9.12 22.26 17.27
N PHE B 146 -7.96 21.67 17.06
CA PHE B 146 -7.48 21.31 15.73
C PHE B 146 -7.78 19.84 15.44
N ASP B 147 -8.30 19.58 14.24
CA ASP B 147 -8.59 18.20 13.86
C ASP B 147 -7.33 17.36 13.66
N THR B 148 -6.17 18.01 13.56
CA THR B 148 -4.90 17.33 13.34
C THR B 148 -4.12 17.06 14.63
N ALA B 149 -4.42 17.77 15.71
CA ALA B 149 -3.51 17.83 16.85
C ALA B 149 -3.33 16.46 17.51
N PHE B 150 -4.40 15.68 17.63
CA PHE B 150 -4.29 14.37 18.27
C PHE B 150 -3.22 13.51 17.60
N HIS B 151 -2.98 13.71 16.31
CA HIS B 151 -2.06 12.85 15.57
C HIS B 151 -0.62 13.36 15.56
N GLN B 152 -0.34 14.47 16.25
CA GLN B 152 1.02 14.96 16.26
C GLN B 152 1.97 14.07 17.07
N THR B 153 1.50 12.98 17.67
CA THR B 153 2.41 12.03 18.32
C THR B 153 2.89 10.93 17.37
N LEU B 154 2.45 10.92 16.12
CA LEU B 154 3.00 9.97 15.18
C LEU B 154 4.52 10.13 15.08
N ALA B 155 5.23 9.01 15.03
CA ALA B 155 6.67 9.00 14.79
C ALA B 155 6.97 9.14 13.29
N PRO B 156 8.22 9.53 12.94
CA PRO B 156 8.55 9.77 11.52
C PRO B 156 8.25 8.61 10.59
N GLU B 157 8.44 7.36 11.05
CA GLU B 157 8.11 6.19 10.26
C GLU B 157 6.65 6.16 9.85
N ALA B 158 5.78 6.82 10.61
CA ALA B 158 4.37 6.82 10.30
C ALA B 158 3.93 8.04 9.51
N TRP B 159 4.67 9.16 9.56
CA TRP B 159 4.20 10.33 8.84
C TRP B 159 5.02 10.73 7.64
N LEU B 160 6.23 10.21 7.47
CA LEU B 160 7.03 10.59 6.30
C LEU B 160 6.66 9.73 5.10
N TYR B 161 6.37 10.42 3.91
CA TYR B 161 6.21 9.60 2.71
C TYR B 161 7.56 9.34 2.06
N PRO B 162 7.73 8.19 1.39
CA PRO B 162 9.01 7.86 0.74
C PRO B 162 9.23 8.67 -0.53
N LEU B 163 9.08 9.97 -0.43
CA LEU B 163 9.34 10.92 -1.49
C LEU B 163 10.72 11.50 -1.31
N PRO B 164 11.20 12.29 -2.26
CA PRO B 164 12.38 13.12 -2.00
C PRO B 164 12.18 13.90 -0.72
N TRP B 165 13.24 13.91 0.11
CA TRP B 165 13.18 14.53 1.44
C TRP B 165 12.67 15.97 1.41
N ARG B 166 13.06 16.74 0.38
CA ARG B 166 12.70 18.15 0.33
C ARG B 166 11.19 18.36 0.32
N TYR B 167 10.40 17.36 -0.11
CA TYR B 167 8.95 17.57 -0.09
C TYR B 167 8.42 17.70 1.33
N TYR B 168 8.96 16.93 2.27
CA TYR B 168 8.68 17.21 3.68
C TYR B 168 9.41 18.47 4.15
N ALA B 169 10.75 18.47 4.02
CA ALA B 169 11.58 19.48 4.68
C ALA B 169 11.31 20.90 4.19
N GLU B 170 10.99 21.08 2.92
CA GLU B 170 10.75 22.42 2.40
C GLU B 170 9.28 22.74 2.17
N LEU B 171 8.42 21.76 1.90
CA LEU B 171 7.02 22.03 1.59
C LEU B 171 6.06 21.52 2.66
N GLY B 172 6.54 20.82 3.67
CA GLY B 172 5.66 20.35 4.73
C GLY B 172 4.74 19.23 4.33
N ILE B 173 5.08 18.48 3.28
CA ILE B 173 4.23 17.38 2.85
C ILE B 173 4.55 16.18 3.74
N ARG B 174 3.53 15.68 4.44
CA ARG B 174 3.65 14.56 5.36
C ARG B 174 2.24 14.16 5.75
N ARG B 175 2.12 12.99 6.38
CA ARG B 175 0.84 12.61 6.95
C ARG B 175 0.50 13.55 8.11
N TYR B 176 -0.69 14.14 8.06
CA TYR B 176 -1.20 14.83 9.24
C TYR B 176 -2.28 14.02 9.93
N GLY B 177 -3.27 13.53 9.18
CA GLY B 177 -4.37 12.81 9.78
C GLY B 177 -5.41 13.76 10.31
N PHE B 178 -6.67 13.32 10.37
CA PHE B 178 -7.77 14.19 10.79
C PHE B 178 -8.72 13.36 11.65
N HIS B 179 -9.91 13.88 11.88
CA HIS B 179 -10.84 13.28 12.84
C HIS B 179 -10.21 13.15 14.22
N GLY B 180 -9.22 14.01 14.51
CA GLY B 180 -8.48 13.87 15.75
C GLY B 180 -9.35 14.02 16.98
N THR B 181 -10.30 14.97 16.96
CA THR B 181 -11.12 15.13 18.15
C THR B 181 -12.08 13.95 18.32
N SER B 182 -12.58 13.39 17.22
CA SER B 182 -13.40 12.17 17.34
C SER B 182 -12.61 11.00 17.93
N HIS B 183 -11.48 10.64 17.30
CA HIS B 183 -10.69 9.50 17.79
C HIS B 183 -10.26 9.70 19.25
N HIS B 184 -9.89 10.93 19.61
CA HIS B 184 -9.52 11.21 20.99
C HIS B 184 -10.72 11.00 21.92
N TYR B 185 -11.89 11.52 21.52
CA TYR B 185 -13.09 11.39 22.34
C TYR B 185 -13.48 9.93 22.56
N VAL B 186 -13.60 9.14 21.48
CA VAL B 186 -14.12 7.78 21.66
C VAL B 186 -13.10 6.89 22.34
N SER B 187 -11.81 7.09 22.08
CA SER B 187 -10.80 6.28 22.76
C SER B 187 -10.80 6.54 24.27
N SER B 188 -10.89 7.80 24.68
CA SER B 188 -11.01 8.13 26.10
C SER B 188 -12.31 7.55 26.70
N ALA B 189 -13.43 7.65 25.97
CA ALA B 189 -14.68 7.10 26.50
C ALA B 189 -14.57 5.60 26.69
N LEU B 190 -13.96 4.90 25.72
CA LEU B 190 -13.76 3.45 25.85
C LEU B 190 -13.03 3.10 27.14
N ALA B 191 -11.91 3.79 27.40
CA ALA B 191 -11.12 3.45 28.58
C ALA B 191 -11.93 3.71 29.84
N GLU B 192 -12.70 4.80 29.85
CA GLU B 192 -13.58 5.08 30.96
C GLU B 192 -14.62 3.97 31.15
N LYS B 193 -15.21 3.49 30.05
CA LYS B 193 -16.17 2.41 30.16
C LYS B 193 -15.53 1.13 30.71
N LEU B 194 -14.29 0.84 30.31
CA LEU B 194 -13.63 -0.36 30.79
C LEU B 194 -12.98 -0.17 32.15
N GLY B 195 -12.88 1.07 32.62
CA GLY B 195 -12.32 1.34 33.94
C GLY B 195 -10.82 1.17 34.05
N VAL B 196 -10.08 1.32 32.96
CA VAL B 196 -8.62 1.24 32.99
C VAL B 196 -8.03 2.48 32.31
N PRO B 197 -6.75 2.78 32.55
CA PRO B 197 -6.09 3.84 31.77
C PRO B 197 -6.12 3.51 30.27
N LEU B 198 -6.37 4.54 29.45
CA LEU B 198 -6.26 4.30 28.01
C LEU B 198 -4.86 3.82 27.63
N SER B 199 -3.82 4.26 28.38
CA SER B 199 -2.46 3.85 28.07
C SER B 199 -2.26 2.35 28.27
N ALA B 200 -3.19 1.68 28.95
CA ALA B 200 -3.11 0.23 29.15
C ALA B 200 -3.56 -0.58 27.94
N LEU B 201 -4.18 0.05 26.95
CA LEU B 201 -4.86 -0.64 25.85
C LEU B 201 -4.19 -0.35 24.52
N ARG B 202 -4.14 -1.37 23.65
CA ARG B 202 -3.87 -1.19 22.22
C ARG B 202 -5.20 -1.07 21.51
N VAL B 203 -5.49 0.12 20.96
CA VAL B 203 -6.82 0.43 20.44
C VAL B 203 -6.73 0.77 18.95
N VAL B 204 -7.67 0.25 18.16
CA VAL B 204 -7.92 0.74 16.81
C VAL B 204 -9.32 1.34 16.79
N SER B 205 -9.40 2.59 16.35
CA SER B 205 -10.65 3.34 16.33
C SER B 205 -11.04 3.61 14.88
N CYS B 206 -12.30 3.30 14.53
CA CYS B 206 -12.81 3.44 13.16
C CYS B 206 -13.90 4.48 13.15
N HIS B 207 -13.61 5.66 12.62
CA HIS B 207 -14.62 6.70 12.46
C HIS B 207 -15.16 6.57 11.06
N LEU B 208 -16.37 6.02 10.93
CA LEU B 208 -16.98 5.70 9.65
C LEU B 208 -18.24 6.53 9.48
N GLY B 209 -18.18 7.52 8.59
CA GLY B 209 -19.31 8.33 8.19
C GLY B 209 -19.13 8.69 6.74
N ASN B 210 -19.58 9.88 6.32
CA ASN B 210 -19.27 10.30 4.96
C ASN B 210 -17.77 10.40 4.75
N GLY B 211 -17.06 10.98 5.73
CA GLY B 211 -15.62 10.84 5.83
C GLY B 211 -15.28 9.68 6.76
N CYS B 212 -14.22 8.94 6.42
CA CYS B 212 -13.85 7.74 7.15
C CYS B 212 -12.35 7.75 7.43
N SER B 213 -11.99 7.35 8.65
CA SER B 213 -10.59 7.23 8.99
C SER B 213 -10.44 6.23 10.14
N VAL B 214 -9.26 5.62 10.21
CA VAL B 214 -8.90 4.65 11.23
C VAL B 214 -7.71 5.22 11.98
N CYS B 215 -7.62 4.95 13.28
CA CYS B 215 -6.52 5.46 14.08
C CYS B 215 -6.11 4.38 15.07
N ALA B 216 -4.80 4.21 15.21
CA ALA B 216 -4.22 3.28 16.18
C ALA B 216 -3.76 4.08 17.40
N ILE B 217 -4.19 3.66 18.58
CA ILE B 217 -3.88 4.36 19.83
C ILE B 217 -3.19 3.37 20.79
N LYS B 218 -1.91 3.64 21.09
CA LYS B 218 -1.12 2.78 21.96
C LYS B 218 -0.38 3.66 22.95
N GLY B 219 -0.31 3.21 24.21
CA GLY B 219 0.27 4.07 25.23
C GLY B 219 -0.49 5.35 25.43
N GLY B 220 -1.75 5.40 25.02
CA GLY B 220 -2.55 6.60 25.20
C GLY B 220 -2.35 7.67 24.15
N GLN B 221 -1.62 7.36 23.06
CA GLN B 221 -1.32 8.33 22.03
C GLN B 221 -1.61 7.73 20.67
N SER B 222 -2.05 8.59 19.74
CA SER B 222 -2.16 8.17 18.34
C SER B 222 -0.77 7.77 17.85
N VAL B 223 -0.66 6.57 17.28
CA VAL B 223 0.57 6.11 16.65
C VAL B 223 0.43 5.88 15.15
N ASN B 224 -0.78 5.92 14.61
CA ASN B 224 -0.95 5.98 13.17
C ASN B 224 -2.40 6.32 12.88
N THR B 225 -2.65 6.84 11.69
CA THR B 225 -4.01 7.14 11.27
C THR B 225 -4.05 7.18 9.74
N SER B 226 -5.24 6.96 9.17
CA SER B 226 -5.28 6.56 7.77
C SER B 226 -5.38 7.75 6.82
N MET B 227 -5.96 8.86 7.25
CA MET B 227 -5.91 10.04 6.39
C MET B 227 -4.49 10.61 6.43
N GLY B 228 -4.08 11.21 5.31
CA GLY B 228 -2.69 11.57 5.18
C GLY B 228 -2.43 13.05 5.16
N PHE B 229 -1.91 13.52 4.03
CA PHE B 229 -1.64 14.93 3.83
C PHE B 229 -2.92 15.75 3.83
N THR B 230 -3.98 15.23 3.20
CA THR B 230 -5.30 15.84 3.24
C THR B 230 -6.31 14.80 3.65
N PRO B 231 -7.56 15.23 3.92
CA PRO B 231 -8.61 14.28 4.31
C PRO B 231 -9.10 13.37 3.18
N GLN B 232 -8.49 13.46 1.98
CA GLN B 232 -8.92 12.66 0.83
C GLN B 232 -8.56 11.19 0.97
N SER B 233 -7.51 10.87 1.71
CA SER B 233 -6.80 9.62 1.53
C SER B 233 -7.07 8.65 2.68
N GLY B 234 -6.48 7.46 2.56
CA GLY B 234 -6.70 6.38 3.50
C GLY B 234 -7.71 5.38 2.97
N VAL B 235 -8.84 5.21 3.67
CA VAL B 235 -9.79 4.17 3.29
C VAL B 235 -10.80 4.74 2.31
N MET B 236 -11.61 3.87 1.73
CA MET B 236 -12.69 4.28 0.85
C MET B 236 -13.79 4.98 1.63
N MET B 237 -14.37 6.04 1.06
CA MET B 237 -15.37 6.83 1.77
C MET B 237 -16.61 7.01 0.90
N GLY B 238 -17.42 8.02 1.24
CA GLY B 238 -18.65 8.26 0.50
C GLY B 238 -18.40 8.67 -0.94
N THR B 239 -17.59 9.72 -1.14
CA THR B 239 -17.20 10.18 -2.47
C THR B 239 -15.69 10.21 -2.68
N ARG B 240 -14.90 10.07 -1.62
CA ARG B 240 -13.45 10.08 -1.70
C ARG B 240 -12.92 8.68 -1.93
N SER B 241 -11.94 8.55 -2.82
CA SER B 241 -11.44 7.23 -3.16
C SER B 241 -10.55 6.66 -2.05
N GLY B 242 -9.95 7.52 -1.25
CA GLY B 242 -8.90 7.01 -0.38
C GLY B 242 -7.64 6.71 -1.18
N ASP B 243 -6.75 5.93 -0.58
CA ASP B 243 -5.51 5.56 -1.23
C ASP B 243 -5.77 4.74 -2.49
N ILE B 244 -5.07 5.09 -3.57
CA ILE B 244 -5.03 4.32 -4.81
C ILE B 244 -3.59 4.32 -5.30
N ASP B 245 -3.32 3.45 -6.26
CA ASP B 245 -2.00 3.41 -6.88
C ASP B 245 -1.64 4.80 -7.41
N PRO B 246 -0.59 5.44 -6.88
CA PRO B 246 -0.30 6.82 -7.31
C PRO B 246 0.01 6.92 -8.80
N SER B 247 0.53 5.85 -9.40
CA SER B 247 0.87 5.89 -10.82
C SER B 247 -0.36 5.99 -11.72
N ILE B 248 -1.56 5.74 -11.18
CA ILE B 248 -2.79 5.97 -11.96
C ILE B 248 -2.90 7.42 -12.39
N LEU B 249 -2.44 8.36 -11.55
CA LEU B 249 -2.75 9.76 -11.82
C LEU B 249 -1.98 10.30 -13.03
N PRO B 250 -0.65 10.17 -13.11
CA PRO B 250 0.04 10.58 -14.36
C PRO B 250 -0.54 9.89 -15.59
N TRP B 251 -0.90 8.61 -15.45
CA TRP B 251 -1.55 7.89 -16.55
C TRP B 251 -2.81 8.61 -17.00
N LEU B 252 -3.62 9.10 -16.05
CA LEU B 252 -4.86 9.79 -16.41
C LEU B 252 -4.58 11.17 -17.01
N VAL B 253 -3.58 11.88 -16.47
CA VAL B 253 -3.16 13.13 -17.09
C VAL B 253 -2.79 12.91 -18.55
N GLU B 254 -2.02 11.86 -18.81
CA GLU B 254 -1.60 11.57 -20.18
C GLU B 254 -2.78 11.11 -21.03
N LYS B 255 -3.55 10.13 -20.55
CA LYS B 255 -4.55 9.51 -21.42
C LYS B 255 -5.82 10.32 -21.54
N GLU B 256 -6.22 11.05 -20.50
CA GLU B 256 -7.47 11.80 -20.55
C GLU B 256 -7.28 13.30 -20.44
N GLY B 257 -6.05 13.80 -20.35
CA GLY B 257 -5.86 15.24 -20.27
C GLY B 257 -6.42 15.87 -19.02
N LYS B 258 -6.47 15.13 -17.91
CA LYS B 258 -7.01 15.69 -16.68
C LYS B 258 -6.10 16.78 -16.13
N SER B 259 -6.69 17.92 -15.76
CA SER B 259 -5.97 18.94 -15.00
C SER B 259 -5.88 18.55 -13.52
N ALA B 260 -5.11 19.35 -12.76
CA ALA B 260 -5.01 19.09 -11.32
C ALA B 260 -6.36 19.20 -10.63
N GLN B 261 -7.13 20.23 -11.00
CA GLN B 261 -8.50 20.40 -10.53
C GLN B 261 -9.32 19.15 -10.80
N GLN B 262 -9.27 18.64 -12.03
CA GLN B 262 -10.06 17.46 -12.38
C GLN B 262 -9.60 16.23 -11.61
N LEU B 263 -8.29 16.05 -11.45
CA LEU B 263 -7.79 14.97 -10.61
C LEU B 263 -8.33 15.08 -9.19
N SER B 264 -8.38 16.31 -8.64
CA SER B 264 -8.92 16.51 -7.29
C SER B 264 -10.40 16.17 -7.23
N GLN B 265 -11.17 16.66 -8.20
CA GLN B 265 -12.59 16.34 -8.24
C GLN B 265 -12.81 14.84 -8.36
N LEU B 266 -12.03 14.17 -9.20
CA LEU B 266 -12.10 12.72 -9.29
C LEU B 266 -11.88 12.06 -7.92
N LEU B 267 -10.77 12.40 -7.26
CA LEU B 267 -10.40 11.74 -6.01
C LEU B 267 -11.37 12.05 -4.87
N ASN B 268 -12.05 13.20 -4.91
CA ASN B 268 -12.78 13.69 -3.74
C ASN B 268 -14.28 13.68 -3.89
N ASN B 269 -14.80 13.84 -5.10
CA ASN B 269 -16.22 14.04 -5.31
C ASN B 269 -16.90 12.94 -6.13
N GLU B 270 -16.13 12.11 -6.85
CA GLU B 270 -16.71 11.16 -7.79
C GLU B 270 -16.40 9.71 -7.48
N SER B 271 -15.53 9.43 -6.51
CA SER B 271 -15.07 8.08 -6.23
C SER B 271 -15.81 7.52 -5.01
N GLY B 272 -15.18 6.57 -4.33
CA GLY B 272 -15.78 6.01 -3.14
C GLY B 272 -17.04 5.21 -3.44
N LEU B 273 -17.91 5.13 -2.42
CA LEU B 273 -19.19 4.45 -2.57
C LEU B 273 -19.93 4.95 -3.80
N LEU B 274 -19.91 6.26 -4.03
CA LEU B 274 -20.67 6.81 -5.14
C LEU B 274 -20.10 6.33 -6.47
N GLY B 275 -18.78 6.40 -6.62
CA GLY B 275 -18.16 6.02 -7.88
C GLY B 275 -18.27 4.53 -8.17
N VAL B 276 -18.01 3.69 -7.17
CA VAL B 276 -18.09 2.25 -7.39
C VAL B 276 -19.54 1.83 -7.60
N SER B 277 -20.45 2.26 -6.72
CA SER B 277 -21.82 1.76 -6.78
C SER B 277 -22.58 2.32 -7.98
N GLY B 278 -22.29 3.57 -8.38
CA GLY B 278 -23.17 4.27 -9.30
C GLY B 278 -24.52 4.61 -8.73
N VAL B 279 -24.73 4.38 -7.44
CA VAL B 279 -26.02 4.59 -6.79
C VAL B 279 -26.01 5.86 -5.93
N SER B 280 -25.15 5.89 -4.92
CA SER B 280 -25.21 6.94 -3.92
C SER B 280 -23.89 6.98 -3.17
N SER B 281 -23.61 8.13 -2.55
CA SER B 281 -22.53 8.19 -1.58
C SER B 281 -22.97 7.74 -0.19
N ASP B 282 -24.28 7.56 0.03
CA ASP B 282 -24.81 7.20 1.34
C ASP B 282 -24.83 5.68 1.53
N TYR B 283 -24.23 5.22 2.62
CA TYR B 283 -24.08 3.78 2.85
C TYR B 283 -25.43 3.06 2.76
N ARG B 284 -26.46 3.60 3.41
CA ARG B 284 -27.76 2.93 3.43
C ARG B 284 -28.38 2.84 2.03
N ASP B 285 -28.25 3.90 1.23
CA ASP B 285 -28.75 3.84 -0.15
C ASP B 285 -28.05 2.74 -0.94
N VAL B 286 -26.72 2.66 -0.82
CA VAL B 286 -25.98 1.60 -1.50
C VAL B 286 -26.44 0.23 -1.02
N GLU B 287 -26.64 0.10 0.29
CA GLU B 287 -27.12 -1.16 0.87
C GLU B 287 -28.48 -1.55 0.31
N GLN B 288 -29.40 -0.58 0.18
CA GLN B 288 -30.69 -0.87 -0.41
C GLN B 288 -30.53 -1.44 -1.82
N ALA B 289 -29.67 -0.83 -2.63
CA ALA B 289 -29.51 -1.27 -4.01
C ALA B 289 -28.85 -2.64 -4.08
N ALA B 290 -27.85 -2.89 -3.24
CA ALA B 290 -27.23 -4.22 -3.22
C ALA B 290 -28.24 -5.30 -2.86
N ASP B 291 -29.08 -5.02 -1.86
CA ASP B 291 -30.15 -5.96 -1.47
C ASP B 291 -31.10 -6.27 -2.62
N ALA B 292 -31.31 -5.32 -3.53
CA ALA B 292 -32.20 -5.51 -4.66
C ALA B 292 -31.51 -6.13 -5.88
N GLY B 293 -30.23 -6.49 -5.77
CA GLY B 293 -29.53 -7.16 -6.84
C GLY B 293 -28.54 -6.32 -7.61
N ASN B 294 -28.30 -5.07 -7.22
CA ASN B 294 -27.29 -4.25 -7.90
C ASN B 294 -25.91 -4.79 -7.57
N GLU B 295 -25.20 -5.30 -8.58
CA GLU B 295 -23.93 -5.96 -8.33
C GLU B 295 -22.84 -4.95 -7.97
N ARG B 296 -22.80 -3.83 -8.68
CA ARG B 296 -21.83 -2.77 -8.35
C ARG B 296 -22.02 -2.29 -6.92
N ALA B 297 -23.26 -2.15 -6.48
CA ALA B 297 -23.52 -1.70 -5.12
C ALA B 297 -23.00 -2.71 -4.11
N ALA B 298 -23.22 -4.00 -4.37
CA ALA B 298 -22.66 -5.04 -3.51
C ALA B 298 -21.13 -5.00 -3.53
N LEU B 299 -20.52 -4.76 -4.71
CA LEU B 299 -19.06 -4.68 -4.75
C LEU B 299 -18.55 -3.49 -3.96
N ALA B 300 -19.24 -2.35 -4.10
CA ALA B 300 -18.88 -1.14 -3.33
C ALA B 300 -18.84 -1.44 -1.84
N LEU B 301 -19.82 -2.18 -1.32
CA LEU B 301 -19.86 -2.43 0.11
C LEU B 301 -18.75 -3.39 0.52
N SER B 302 -18.46 -4.38 -0.33
CA SER B 302 -17.39 -5.31 -0.04
C SER B 302 -16.02 -4.62 -0.06
N LEU B 303 -15.78 -3.79 -1.08
CA LEU B 303 -14.52 -3.02 -1.13
C LEU B 303 -14.39 -2.06 0.05
N PHE B 304 -15.49 -1.42 0.44
CA PHE B 304 -15.48 -0.53 1.60
C PHE B 304 -14.97 -1.24 2.85
N ALA B 305 -15.48 -2.45 3.13
CA ALA B 305 -15.02 -3.20 4.29
C ALA B 305 -13.58 -3.66 4.13
N GLU B 306 -13.21 -4.12 2.92
CA GLU B 306 -11.85 -4.58 2.68
C GLU B 306 -10.81 -3.49 2.96
N ARG B 307 -11.08 -2.27 2.52
CA ARG B 307 -10.11 -1.19 2.75
C ARG B 307 -9.92 -0.91 4.24
N ILE B 308 -11.00 -0.92 5.02
CA ILE B 308 -10.87 -0.72 6.47
C ILE B 308 -10.11 -1.89 7.11
N ARG B 309 -10.45 -3.12 6.72
CA ARG B 309 -9.77 -4.29 7.28
C ARG B 309 -8.27 -4.26 6.99
N ALA B 310 -7.89 -3.91 5.77
CA ALA B 310 -6.47 -3.82 5.44
C ALA B 310 -5.75 -2.83 6.36
N THR B 311 -6.40 -1.70 6.61
CA THR B 311 -5.79 -0.67 7.45
C THR B 311 -5.70 -1.12 8.91
N ILE B 312 -6.81 -1.69 9.43
CA ILE B 312 -6.77 -2.26 10.77
C ILE B 312 -5.63 -3.26 10.90
N GLY B 313 -5.44 -4.10 9.88
CA GLY B 313 -4.39 -5.12 9.97
C GLY B 313 -2.99 -4.52 10.08
N SER B 314 -2.71 -3.49 9.28
CA SER B 314 -1.46 -2.75 9.40
C SER B 314 -1.24 -2.26 10.83
N TYR B 315 -2.28 -1.65 11.40
CA TYR B 315 -2.12 -1.01 12.71
C TYR B 315 -1.97 -2.05 13.81
N ILE B 316 -2.67 -3.19 13.69
CA ILE B 316 -2.50 -4.26 14.66
C ILE B 316 -1.05 -4.76 14.61
N MET B 317 -0.55 -4.96 13.40
CA MET B 317 0.83 -5.37 13.21
C MET B 317 1.77 -4.37 13.88
N GLN B 318 1.54 -3.08 13.62
CA GLN B 318 2.42 -2.04 14.17
C GLN B 318 2.41 -2.05 15.69
N MET B 319 1.23 -2.21 16.29
CA MET B 319 1.12 -2.18 17.75
C MET B 319 1.51 -3.51 18.39
N GLY B 320 1.67 -4.56 17.60
CA GLY B 320 1.99 -5.87 18.17
C GLY B 320 0.83 -6.57 18.83
N GLY B 321 -0.41 -6.27 18.41
CA GLY B 321 -1.60 -6.88 18.97
C GLY B 321 -2.72 -5.86 19.08
N LEU B 322 -3.81 -6.29 19.70
CA LEU B 322 -5.02 -5.48 19.76
C LEU B 322 -5.80 -5.82 21.02
N ASP B 323 -6.21 -4.80 21.77
CA ASP B 323 -7.07 -5.01 22.91
C ASP B 323 -8.52 -4.60 22.66
N ALA B 324 -8.75 -3.61 21.79
CA ALA B 324 -10.11 -3.14 21.58
C ALA B 324 -10.22 -2.49 20.22
N LEU B 325 -11.37 -2.67 19.61
CA LEU B 325 -11.73 -2.04 18.34
C LEU B 325 -12.96 -1.18 18.59
N ILE B 326 -12.93 0.08 18.16
CA ILE B 326 -14.04 1.01 18.35
C ILE B 326 -14.64 1.35 16.99
N PHE B 327 -15.97 1.31 16.91
CA PHE B 327 -16.70 1.82 15.76
C PHE B 327 -17.47 3.07 16.16
N THR B 328 -17.32 4.14 15.38
CA THR B 328 -18.00 5.40 15.64
C THR B 328 -18.35 6.02 14.29
N GLY B 329 -19.04 7.15 14.34
CA GLY B 329 -19.54 7.80 13.14
C GLY B 329 -20.88 7.28 12.70
N GLY B 330 -21.48 8.01 11.74
CA GLY B 330 -22.79 7.63 11.21
C GLY B 330 -22.89 6.18 10.77
N ILE B 331 -21.88 5.68 10.06
CA ILE B 331 -21.88 4.28 9.66
C ILE B 331 -21.47 3.37 10.84
N GLY B 332 -20.41 3.73 11.56
CA GLY B 332 -19.90 2.85 12.60
C GLY B 332 -20.87 2.66 13.75
N GLU B 333 -21.64 3.69 14.09
CA GLU B 333 -22.58 3.63 15.21
C GLU B 333 -23.87 2.90 14.86
N ASN B 334 -24.24 2.85 13.59
CA ASN B 334 -25.56 2.42 13.18
C ASN B 334 -25.60 1.19 12.26
N SER B 335 -24.50 0.80 11.62
CA SER B 335 -24.57 -0.27 10.61
C SER B 335 -24.03 -1.58 11.18
N ALA B 336 -24.94 -2.48 11.59
CA ALA B 336 -24.51 -3.81 12.00
C ALA B 336 -23.83 -4.53 10.85
N ARG B 337 -24.30 -4.31 9.63
CA ARG B 337 -23.72 -4.98 8.48
C ARG B 337 -22.27 -4.59 8.27
N ALA B 338 -21.96 -3.29 8.30
CA ALA B 338 -20.58 -2.90 8.06
C ALA B 338 -19.67 -3.45 9.14
N ARG B 339 -20.11 -3.40 10.40
CA ARG B 339 -19.26 -3.89 11.47
C ARG B 339 -19.03 -5.39 11.33
N ALA B 340 -20.08 -6.16 10.99
CA ALA B 340 -19.93 -7.60 10.85
C ALA B 340 -19.00 -7.97 9.69
N ALA B 341 -19.13 -7.28 8.56
CA ALA B 341 -18.25 -7.55 7.43
C ALA B 341 -16.80 -7.17 7.74
N ILE B 342 -16.59 -6.09 8.48
CA ILE B 342 -15.23 -5.72 8.88
C ILE B 342 -14.64 -6.76 9.83
N CYS B 343 -15.46 -7.32 10.72
CA CYS B 343 -14.95 -8.19 11.79
C CYS B 343 -14.91 -9.67 11.43
N ARG B 344 -15.17 -10.01 10.16
CA ARG B 344 -15.28 -11.40 9.73
C ARG B 344 -13.93 -12.13 9.85
N ASN B 345 -13.99 -13.38 10.34
CA ASN B 345 -12.87 -14.34 10.28
C ASN B 345 -11.60 -13.79 10.92
N LEU B 346 -11.73 -13.26 12.15
CA LEU B 346 -10.60 -12.67 12.86
C LEU B 346 -10.28 -13.46 14.12
N HIS B 347 -10.58 -14.77 14.12
CA HIS B 347 -10.32 -15.59 15.30
C HIS B 347 -8.83 -15.63 15.66
N PHE B 348 -7.93 -15.42 14.68
CA PHE B 348 -6.51 -15.44 15.02
C PHE B 348 -6.13 -14.32 15.99
N LEU B 349 -6.99 -13.32 16.13
CA LEU B 349 -6.83 -12.22 17.07
C LEU B 349 -7.66 -12.41 18.32
N GLY B 350 -8.49 -13.44 18.37
CA GLY B 350 -9.49 -13.53 19.43
C GLY B 350 -10.59 -12.51 19.29
N LEU B 351 -10.92 -12.12 18.06
CA LEU B 351 -11.97 -11.13 17.81
C LEU B 351 -13.13 -11.81 17.09
N ALA B 352 -14.31 -11.80 17.72
CA ALA B 352 -15.54 -12.24 17.11
C ALA B 352 -16.69 -11.41 17.66
N LEU B 353 -17.75 -11.28 16.86
CA LEU B 353 -18.92 -10.48 17.22
C LEU B 353 -20.03 -11.39 17.75
N ASP B 354 -20.82 -10.84 18.66
CA ASP B 354 -22.07 -11.46 19.11
C ASP B 354 -23.22 -10.91 18.25
N ASP B 355 -23.91 -11.79 17.54
CA ASP B 355 -24.86 -11.29 16.54
C ASP B 355 -25.98 -10.49 17.19
N GLU B 356 -26.48 -10.95 18.34
CA GLU B 356 -27.58 -10.24 19.00
C GLU B 356 -27.14 -8.86 19.47
N LYS B 357 -25.94 -8.76 20.06
CA LYS B 357 -25.45 -7.45 20.50
C LYS B 357 -25.24 -6.52 19.31
N ASN B 358 -24.58 -7.02 18.25
CA ASN B 358 -24.31 -6.19 17.08
C ASN B 358 -25.61 -5.68 16.46
N GLN B 359 -26.62 -6.55 16.34
CA GLN B 359 -27.87 -6.17 15.70
C GLN B 359 -28.50 -4.94 16.35
N ARG B 360 -28.44 -4.82 17.67
CA ARG B 360 -28.98 -3.65 18.34
C ARG B 360 -27.92 -2.59 18.67
N SER B 361 -26.70 -2.71 18.13
CA SER B 361 -25.67 -1.69 18.31
C SER B 361 -25.40 -1.43 19.79
N ALA B 362 -25.23 -2.52 20.55
CA ALA B 362 -24.89 -2.41 21.96
C ALA B 362 -23.53 -1.72 22.11
N THR B 363 -23.30 -1.17 23.30
CA THR B 363 -22.02 -0.50 23.55
C THR B 363 -20.85 -1.45 23.31
N PHE B 364 -20.97 -2.70 23.76
CA PHE B 364 -19.99 -3.74 23.45
C PHE B 364 -20.68 -4.86 22.68
N ILE B 365 -20.07 -5.26 21.56
CA ILE B 365 -20.71 -6.21 20.66
C ILE B 365 -19.85 -7.44 20.41
N GLN B 366 -18.72 -7.58 21.12
CA GLN B 366 -17.90 -8.78 20.92
C GLN B 366 -18.57 -9.98 21.57
N ALA B 367 -18.23 -11.16 21.04
CA ALA B 367 -18.70 -12.39 21.64
C ALA B 367 -18.13 -12.53 23.05
N ASP B 368 -18.87 -13.22 23.92
CA ASP B 368 -18.42 -13.32 25.31
C ASP B 368 -17.14 -14.12 25.43
N ASN B 369 -16.88 -15.04 24.51
CA ASN B 369 -15.63 -15.78 24.51
C ASN B 369 -14.48 -15.00 23.87
N ALA B 370 -14.73 -13.81 23.34
CA ALA B 370 -13.72 -13.08 22.57
C ALA B 370 -12.72 -12.40 23.49
N LEU B 371 -11.47 -12.34 23.04
CA LEU B 371 -10.42 -11.62 23.75
C LEU B 371 -10.52 -10.12 23.53
N VAL B 372 -10.81 -9.69 22.31
CA VAL B 372 -10.80 -8.27 21.95
C VAL B 372 -12.16 -7.67 22.25
N LYS B 373 -12.16 -6.53 22.94
CA LYS B 373 -13.40 -5.77 23.11
C LYS B 373 -13.72 -5.02 21.83
N VAL B 374 -14.99 -5.05 21.43
CA VAL B 374 -15.45 -4.34 20.25
C VAL B 374 -16.59 -3.43 20.71
N ALA B 375 -16.40 -2.13 20.55
CA ALA B 375 -17.28 -1.14 21.15
C ALA B 375 -17.91 -0.31 20.05
N VAL B 376 -19.14 0.10 20.29
CA VAL B 376 -19.86 1.04 19.44
C VAL B 376 -20.09 2.27 20.29
N ILE B 377 -19.41 3.36 19.96
CA ILE B 377 -19.40 4.56 20.80
C ILE B 377 -19.81 5.73 19.92
N ASN B 378 -20.81 6.49 20.38
CA ASN B 378 -21.27 7.63 19.58
C ASN B 378 -20.29 8.77 19.79
N THR B 379 -19.78 9.32 18.70
CA THR B 379 -18.80 10.38 18.82
C THR B 379 -19.52 11.68 19.14
N ASN B 380 -18.83 12.56 19.85
CA ASN B 380 -19.43 13.82 20.27
C ASN B 380 -18.31 14.87 20.26
N GLU B 381 -18.00 15.36 19.06
CA GLU B 381 -16.85 16.26 18.92
C GLU B 381 -17.10 17.60 19.60
N GLU B 382 -18.36 18.04 19.67
CA GLU B 382 -18.68 19.30 20.33
C GLU B 382 -18.43 19.20 21.83
N LEU B 383 -18.90 18.11 22.44
CA LEU B 383 -18.57 17.86 23.83
C LEU B 383 -17.06 17.79 24.04
N MET B 384 -16.35 17.12 23.13
CA MET B 384 -14.89 17.07 23.24
C MET B 384 -14.29 18.47 23.16
N ILE B 385 -14.79 19.29 22.23
CA ILE B 385 -14.30 20.66 22.13
C ILE B 385 -14.59 21.42 23.43
N ALA B 386 -15.80 21.25 23.97
CA ALA B 386 -16.16 21.96 25.20
C ALA B 386 -15.26 21.53 26.36
N ARG B 387 -14.88 20.25 26.41
CA ARG B 387 -13.93 19.83 27.45
C ARG B 387 -12.56 20.47 27.24
N ASP B 388 -12.14 20.64 25.98
CA ASP B 388 -10.89 21.36 25.72
C ASP B 388 -11.00 22.81 26.21
N VAL B 389 -12.11 23.48 25.93
CA VAL B 389 -12.31 24.84 26.43
C VAL B 389 -12.18 24.87 27.95
N MET B 390 -12.88 23.97 28.63
CA MET B 390 -12.83 23.92 30.10
C MET B 390 -11.40 23.79 30.60
N ARG B 391 -10.61 22.91 29.96
CA ARG B 391 -9.28 22.59 30.47
C ARG B 391 -8.31 23.75 30.29
N LEU B 392 -8.40 24.46 29.16
CA LEU B 392 -7.42 25.49 28.83
C LEU B 392 -7.87 26.91 29.17
N ALA B 393 -9.16 27.13 29.40
CA ALA B 393 -9.69 28.46 29.66
C ALA B 393 -10.31 28.63 31.04
N LEU B 394 -10.65 27.54 31.72
CA LEU B 394 -11.16 27.59 33.10
C LEU B 394 -10.52 26.45 33.89
N PRO B 395 -9.18 26.47 34.03
CA PRO B 395 -8.43 25.45 34.77
C PRO B 395 -8.34 25.73 36.28
#